data_2BHV
#
_entry.id   2BHV
#
_cell.length_a   69.735
_cell.length_b   139.411
_cell.length_c   168.442
_cell.angle_alpha   90.00
_cell.angle_beta   90.00
_cell.angle_gamma   90.00
#
_symmetry.space_group_name_H-M   'P 21 21 21'
#
_entity_poly.entity_id   1
_entity_poly.type   'polypeptide(L)'
_entity_poly.pdbx_seq_one_letter_code
;GAMGSIQENLIFPMDNPKGIDGFTNLKEKDIATNENKLLRTITADKMIPAFLITPISSQIAGKVIAQVESDIFAHMGKAV
LIPKGSKVIGYYSNNNKMGEYRLDIVWSRIITPHGINIMLTNAKGADIKGYNGLVGELIERNFQRYGVPLLLSTLTNGLL
IGITSALNNRGNKEGATNFFGDYLLMQLMRQSGMGINQVVNQILRDKSKIAPIVVIREGSRVFISPNTDIFFPIPRENEV
IAEFLK
;
_entity_poly.pdbx_strand_id   A,B,C,D,E,F
#
# COMPACT_ATOMS: atom_id res chain seq x y z
N ASN A 36 -51.60 51.15 38.21
CA ASN A 36 -51.64 51.47 36.76
C ASN A 36 -50.74 50.50 35.97
N LYS A 37 -49.51 50.93 35.63
CA LYS A 37 -48.71 50.20 34.62
C LYS A 37 -48.37 48.75 35.03
N LEU A 38 -47.94 48.55 36.27
CA LEU A 38 -47.51 47.24 36.77
C LEU A 38 -48.61 46.14 36.73
N LEU A 39 -49.86 46.55 36.54
CA LEU A 39 -51.00 45.63 36.41
C LEU A 39 -50.94 44.84 35.10
N ARG A 40 -50.14 45.32 34.16
CA ARG A 40 -50.00 44.65 32.87
C ARG A 40 -48.54 44.64 32.40
N THR A 41 -47.66 44.28 33.32
CA THR A 41 -46.24 44.26 33.05
C THR A 41 -45.65 42.91 33.44
N ILE A 42 -44.69 42.44 32.67
CA ILE A 42 -43.89 41.31 33.08
C ILE A 42 -42.55 41.85 33.53
N THR A 43 -42.15 41.47 34.74
CA THR A 43 -40.89 41.93 35.30
C THR A 43 -39.72 41.32 34.54
N ALA A 44 -38.67 42.13 34.35
CA ALA A 44 -37.38 41.63 33.89
C ALA A 44 -37.00 40.32 34.59
N ASP A 45 -36.47 39.38 33.81
CA ASP A 45 -36.02 38.09 34.30
C ASP A 45 -37.13 37.22 34.93
N LYS A 46 -38.39 37.47 34.56
CA LYS A 46 -39.40 36.44 34.75
C LYS A 46 -38.92 35.28 33.89
N MET A 47 -39.17 34.06 34.35
CA MET A 47 -38.77 32.90 33.59
C MET A 47 -40.03 32.33 32.98
N ILE A 48 -40.21 32.55 31.68
CA ILE A 48 -41.34 31.97 30.96
C ILE A 48 -40.94 30.60 30.43
N PRO A 49 -41.43 29.54 31.07
CA PRO A 49 -41.04 28.21 30.64
C PRO A 49 -41.76 27.80 29.35
N ALA A 50 -41.00 27.26 28.41
CA ALA A 50 -41.55 26.84 27.14
C ALA A 50 -40.78 25.63 26.62
N PHE A 51 -41.42 24.87 25.73
CA PHE A 51 -40.75 23.80 25.03
C PHE A 51 -40.79 24.06 23.53
N LEU A 52 -39.75 23.59 22.82
CA LEU A 52 -39.63 23.83 21.40
C LEU A 52 -40.45 22.84 20.60
N ILE A 53 -41.27 23.35 19.69
CA ILE A 53 -42.05 22.53 18.76
C ILE A 53 -41.21 22.25 17.53
N THR A 54 -40.33 23.18 17.21
CA THR A 54 -39.48 23.12 16.02
C THR A 54 -38.03 22.99 16.45
N PRO A 55 -37.22 22.17 15.75
CA PRO A 55 -35.80 22.08 16.11
C PRO A 55 -34.99 23.30 15.66
N ILE A 56 -33.83 23.47 16.26
CA ILE A 56 -32.85 24.48 15.86
C ILE A 56 -31.57 23.79 15.40
N SER A 57 -31.33 23.76 14.08
CA SER A 57 -30.09 23.20 13.51
C SER A 57 -28.97 24.27 13.39
N SER A 58 -27.71 23.86 13.53
CA SER A 58 -26.59 24.84 13.56
C SER A 58 -26.03 25.24 12.19
N GLN A 59 -26.39 24.51 11.12
CA GLN A 59 -26.08 25.00 9.78
C GLN A 59 -27.15 26.03 9.38
N ILE A 60 -28.31 25.53 8.95
CA ILE A 60 -29.51 26.34 8.68
C ILE A 60 -29.71 27.43 9.74
N ALA A 61 -29.87 28.69 9.29
CA ALA A 61 -30.49 29.74 10.09
C ALA A 61 -31.96 29.77 9.69
N GLY A 62 -32.89 29.77 10.64
CA GLY A 62 -34.30 29.66 10.30
C GLY A 62 -35.27 30.13 11.36
N LYS A 63 -36.45 29.50 11.40
CA LYS A 63 -37.55 29.84 12.31
C LYS A 63 -37.76 28.79 13.42
N VAL A 64 -38.15 29.25 14.60
CA VAL A 64 -38.41 28.36 15.72
C VAL A 64 -39.74 28.69 16.37
N ILE A 65 -40.48 27.65 16.75
CA ILE A 65 -41.73 27.84 17.47
C ILE A 65 -41.65 27.13 18.82
N ALA A 66 -41.93 27.88 19.88
CA ALA A 66 -42.02 27.31 21.22
C ALA A 66 -43.44 27.44 21.76
N GLN A 67 -43.75 26.65 22.78
CA GLN A 67 -45.04 26.73 23.43
C GLN A 67 -44.94 26.97 24.92
N VAL A 68 -45.63 27.98 25.41
CA VAL A 68 -45.54 28.39 26.81
C VAL A 68 -46.20 27.35 27.71
N GLU A 69 -45.55 27.01 28.81
CA GLU A 69 -45.97 25.87 29.62
C GLU A 69 -46.95 26.18 30.75
N SER A 70 -47.12 27.45 31.09
CA SER A 70 -48.02 27.86 32.17
C SER A 70 -48.37 29.33 32.06
N ASP A 71 -49.48 29.73 32.68
CA ASP A 71 -49.91 31.12 32.67
C ASP A 71 -48.84 32.06 33.22
N ILE A 72 -48.64 33.18 32.52
CA ILE A 72 -47.73 34.19 32.98
C ILE A 72 -48.51 35.41 33.46
N PHE A 73 -48.42 35.68 34.76
CA PHE A 73 -49.19 36.73 35.39
C PHE A 73 -48.41 38.03 35.39
N ALA A 74 -49.13 39.15 35.33
CA ALA A 74 -48.50 40.46 35.47
C ALA A 74 -47.97 40.65 36.88
N HIS A 75 -46.86 41.37 37.00
CA HIS A 75 -46.17 41.56 38.28
C HIS A 75 -47.09 41.88 39.45
N MET A 76 -48.17 42.59 39.17
CA MET A 76 -49.13 43.02 40.17
C MET A 76 -50.52 42.75 39.61
N GLY A 77 -51.45 42.32 40.48
CA GLY A 77 -52.80 41.96 40.07
C GLY A 77 -52.89 40.53 39.57
N LYS A 78 -53.98 40.22 38.87
CA LYS A 78 -54.29 38.84 38.48
C LYS A 78 -54.46 38.63 36.99
N ALA A 79 -54.05 39.62 36.20
CA ALA A 79 -54.09 39.50 34.75
C ALA A 79 -53.14 38.43 34.24
N VAL A 80 -53.64 37.49 33.45
CA VAL A 80 -52.77 36.57 32.74
C VAL A 80 -52.35 37.21 31.41
N LEU A 81 -51.11 37.66 31.35
CA LEU A 81 -50.59 38.35 30.15
C LEU A 81 -50.18 37.37 29.05
N ILE A 82 -49.46 36.31 29.42
CA ILE A 82 -49.20 35.22 28.47
C ILE A 82 -49.83 33.93 28.98
N PRO A 83 -50.95 33.51 28.34
CA PRO A 83 -51.70 32.30 28.72
C PRO A 83 -50.93 31.04 28.40
N LYS A 84 -51.04 30.05 29.27
CA LYS A 84 -50.55 28.71 29.02
C LYS A 84 -50.99 28.26 27.64
N GLY A 85 -50.05 27.69 26.89
CA GLY A 85 -50.36 27.14 25.58
C GLY A 85 -50.13 28.11 24.44
N SER A 86 -49.75 29.34 24.74
CA SER A 86 -49.40 30.30 23.68
C SER A 86 -48.19 29.82 22.87
N LYS A 87 -48.22 30.10 21.58
CA LYS A 87 -47.09 29.84 20.73
C LYS A 87 -46.19 31.07 20.76
N VAL A 88 -44.87 30.85 20.84
CA VAL A 88 -43.91 31.93 20.68
C VAL A 88 -43.14 31.71 19.39
N ILE A 89 -43.14 32.70 18.52
CA ILE A 89 -42.46 32.56 17.25
C ILE A 89 -41.16 33.35 17.28
N GLY A 90 -40.07 32.65 16.96
CA GLY A 90 -38.75 33.26 16.91
C GLY A 90 -37.98 32.96 15.63
N TYR A 91 -36.89 33.72 15.42
CA TYR A 91 -36.02 33.50 14.29
C TYR A 91 -34.62 33.39 14.83
N TYR A 92 -33.87 32.44 14.32
CA TYR A 92 -32.57 32.12 14.87
C TYR A 92 -31.50 32.05 13.80
N SER A 93 -30.26 32.38 14.19
CA SER A 93 -29.11 32.16 13.33
C SER A 93 -27.91 31.68 14.16
N ASN A 94 -27.03 30.92 13.52
CA ASN A 94 -25.79 30.54 14.11
C ASN A 94 -24.69 31.41 13.53
N ASN A 95 -23.99 32.13 14.41
CA ASN A 95 -22.89 33.03 14.03
C ASN A 95 -21.56 32.38 14.38
N ASN A 96 -21.20 31.35 13.61
CA ASN A 96 -19.95 30.63 13.82
C ASN A 96 -18.67 31.47 13.60
N LYS A 97 -18.22 32.17 14.65
CA LYS A 97 -16.77 32.51 14.80
C LYS A 97 -16.11 31.18 15.15
N MET A 98 -15.85 30.40 14.09
CA MET A 98 -15.83 28.92 14.17
C MET A 98 -14.74 28.28 15.07
N GLY A 99 -15.01 27.05 15.48
CA GLY A 99 -14.52 26.53 16.76
C GLY A 99 -15.62 26.80 17.77
N GLU A 100 -15.76 28.08 18.14
CA GLU A 100 -16.86 28.54 19.00
C GLU A 100 -18.22 28.51 18.32
N TYR A 101 -19.25 28.34 19.14
CA TYR A 101 -20.64 28.26 18.70
C TYR A 101 -21.36 29.51 19.22
N ARG A 102 -22.21 30.09 18.36
CA ARG A 102 -23.02 31.22 18.76
C ARG A 102 -24.40 31.14 18.14
N LEU A 103 -25.43 31.15 18.99
CA LEU A 103 -26.83 31.05 18.56
C LEU A 103 -27.55 32.29 19.03
N ASP A 104 -28.23 32.96 18.12
CA ASP A 104 -29.07 34.07 18.50
C ASP A 104 -30.51 33.77 18.17
N ILE A 105 -31.40 33.93 19.14
CA ILE A 105 -32.83 33.77 18.89
C ILE A 105 -33.52 35.10 19.19
N VAL A 106 -34.16 35.67 18.19
CA VAL A 106 -35.02 36.83 18.41
C VAL A 106 -36.47 36.36 18.48
N TRP A 107 -37.04 36.41 19.67
CA TRP A 107 -38.45 36.09 19.80
C TRP A 107 -39.27 37.29 19.33
N SER A 108 -40.02 37.11 18.25
CA SER A 108 -40.66 38.24 17.58
C SER A 108 -42.13 38.41 17.94
N ARG A 109 -42.88 37.31 18.00
CA ARG A 109 -44.26 37.43 18.46
C ARG A 109 -44.81 36.22 19.21
N ILE A 110 -45.80 36.49 20.07
CA ILE A 110 -46.51 35.48 20.84
C ILE A 110 -47.96 35.43 20.37
N ILE A 111 -48.45 34.23 20.06
CA ILE A 111 -49.85 34.05 19.69
C ILE A 111 -50.60 33.29 20.77
N THR A 112 -51.55 33.94 21.43
CA THR A 112 -52.31 33.29 22.50
C THR A 112 -53.27 32.24 21.91
N PRO A 113 -53.70 31.29 22.74
CA PRO A 113 -54.61 30.25 22.24
C PRO A 113 -55.91 30.82 21.67
N HIS A 114 -56.33 31.98 22.16
CA HIS A 114 -57.52 32.63 21.60
C HIS A 114 -57.21 33.37 20.32
N GLY A 115 -55.92 33.59 20.05
CA GLY A 115 -55.48 34.14 18.79
C GLY A 115 -55.18 35.63 18.80
N ILE A 116 -54.93 36.19 19.99
CA ILE A 116 -54.45 37.56 20.04
C ILE A 116 -52.94 37.57 19.77
N ASN A 117 -52.50 38.44 18.89
CA ASN A 117 -51.08 38.56 18.56
C ASN A 117 -50.36 39.60 19.40
N ILE A 118 -49.33 39.16 20.11
CA ILE A 118 -48.47 40.07 20.85
C ILE A 118 -47.17 40.27 20.09
N MET A 119 -46.96 41.48 19.57
CA MET A 119 -45.70 41.84 18.91
C MET A 119 -44.57 42.14 19.89
N LEU A 120 -43.40 41.59 19.60
CA LEU A 120 -42.19 41.86 20.35
C LEU A 120 -41.18 42.56 19.44
N THR A 121 -41.03 42.06 18.21
CA THR A 121 -40.19 42.68 17.19
C THR A 121 -40.78 42.36 15.81
N ASN A 122 -40.99 43.40 15.00
CA ASN A 122 -41.64 43.31 13.67
C ASN A 122 -40.83 42.63 12.54
N ALA A 123 -41.12 43.06 11.30
CA ALA A 123 -40.71 42.41 10.02
C ALA A 123 -40.15 40.98 10.14
N TYR A 131 -33.06 35.26 5.82
CA TYR A 131 -33.22 34.65 7.13
C TYR A 131 -32.08 35.05 8.08
N ASN A 132 -30.84 34.81 7.66
CA ASN A 132 -29.64 35.11 8.45
C ASN A 132 -29.41 36.61 8.56
N GLY A 133 -29.56 37.27 7.42
CA GLY A 133 -29.64 38.72 7.36
C GLY A 133 -30.73 39.22 8.27
N LEU A 134 -31.94 38.67 8.12
CA LEU A 134 -33.10 39.12 8.91
C LEU A 134 -32.86 39.15 10.42
N VAL A 135 -32.24 38.09 10.95
CA VAL A 135 -31.88 38.05 12.38
C VAL A 135 -30.88 39.15 12.70
N GLY A 136 -29.94 39.37 11.79
CA GLY A 136 -28.96 40.45 11.91
C GLY A 136 -29.61 41.80 12.07
N GLU A 137 -30.55 42.12 11.19
CA GLU A 137 -31.22 43.43 11.18
C GLU A 137 -32.16 43.58 12.36
N LEU A 138 -32.74 42.47 12.82
CA LEU A 138 -33.63 42.54 13.96
C LEU A 138 -32.82 42.92 15.18
N ILE A 139 -31.64 42.29 15.30
CA ILE A 139 -30.68 42.56 16.35
C ILE A 139 -30.19 44.00 16.29
N GLU A 140 -29.90 44.46 15.08
CA GLU A 140 -29.49 45.85 14.87
C GLU A 140 -30.60 46.86 15.18
N ARG A 141 -31.83 46.55 14.75
CA ARG A 141 -32.99 47.39 15.08
C ARG A 141 -33.12 47.47 16.60
N ASN A 142 -33.14 46.30 17.23
CA ASN A 142 -33.25 46.21 18.68
C ASN A 142 -32.24 47.08 19.39
N PHE A 143 -31.01 47.06 18.89
CA PHE A 143 -29.90 47.81 19.47
C PHE A 143 -30.00 49.31 19.22
N GLN A 144 -30.55 49.67 18.07
CA GLN A 144 -30.69 51.06 17.66
C GLN A 144 -31.72 51.82 18.50
N ARG A 145 -32.66 51.10 19.08
CA ARG A 145 -33.78 51.71 19.78
C ARG A 145 -33.68 51.55 21.28
N TYR A 146 -33.17 50.40 21.72
CA TYR A 146 -33.15 50.07 23.14
C TYR A 146 -31.73 49.92 23.68
N GLY A 147 -30.75 50.01 22.79
CA GLY A 147 -29.37 49.82 23.14
C GLY A 147 -29.06 48.39 23.53
N VAL A 148 -30.02 47.49 23.33
CA VAL A 148 -29.81 46.06 23.62
C VAL A 148 -30.00 45.22 22.37
N PRO A 149 -29.11 44.23 22.13
CA PRO A 149 -29.25 43.37 20.94
C PRO A 149 -30.46 42.44 20.98
N LEU A 150 -30.73 41.86 22.14
CA LEU A 150 -31.87 40.95 22.29
C LEU A 150 -32.75 41.41 23.42
N LEU A 151 -34.07 41.38 23.21
CA LEU A 151 -34.99 41.86 24.24
C LEU A 151 -35.40 40.72 25.15
N LEU A 152 -35.20 39.48 24.71
CA LEU A 152 -35.58 38.28 25.45
C LEU A 152 -34.45 37.26 25.34
N SER A 153 -33.98 36.79 26.48
CA SER A 153 -32.94 35.79 26.50
C SER A 153 -33.58 34.42 26.44
N THR A 154 -32.80 33.43 26.00
CA THR A 154 -33.26 32.05 25.94
C THR A 154 -32.37 31.18 26.78
N LEU A 155 -32.91 30.68 27.88
CA LEU A 155 -32.16 29.91 28.88
C LEU A 155 -32.56 28.44 28.88
N THR A 156 -31.69 27.59 29.43
CA THR A 156 -31.96 26.15 29.47
C THR A 156 -33.01 25.82 30.48
N ASN A 157 -33.89 24.91 30.08
CA ASN A 157 -34.65 24.15 31.05
C ASN A 157 -34.55 22.66 30.74
N GLY A 158 -33.43 22.27 30.13
CA GLY A 158 -33.21 20.91 29.66
C GLY A 158 -33.29 20.85 28.16
N LEU A 159 -32.17 21.16 27.51
CA LEU A 159 -32.08 21.07 26.06
C LEU A 159 -31.70 19.65 25.64
N LEU A 160 -32.37 19.16 24.59
CA LEU A 160 -31.96 17.92 23.95
C LEU A 160 -30.99 18.23 22.83
N ILE A 161 -29.71 18.02 23.10
CA ILE A 161 -28.65 18.49 22.20
C ILE A 161 -27.94 17.34 21.51
N GLY A 162 -28.05 17.29 20.19
CA GLY A 162 -27.30 16.34 19.36
C GLY A 162 -26.12 17.05 18.72
N ILE A 163 -24.94 16.41 18.76
CA ILE A 163 -23.73 17.01 18.18
C ILE A 163 -22.92 15.99 17.38
N THR A 164 -23.25 15.80 16.11
CA THR A 164 -22.41 14.98 15.22
C THR A 164 -21.23 15.82 14.75
N SER A 165 -20.22 15.15 14.14
CA SER A 165 -18.94 15.81 13.81
C SER A 165 -18.79 16.16 12.32
N ALA A 166 -17.82 17.04 12.01
CA ALA A 166 -17.43 17.41 10.63
C ALA A 166 -18.61 17.57 9.64
N PHE A 180 -0.84 10.31 7.59
CA PHE A 180 -1.86 9.22 7.28
C PHE A 180 -2.53 9.50 5.93
N GLY A 181 -1.74 9.45 4.86
CA GLY A 181 -2.23 9.69 3.49
C GLY A 181 -2.56 11.15 3.18
N ASP A 182 -3.38 11.76 4.04
CA ASP A 182 -3.79 13.17 3.87
C ASP A 182 -2.75 14.11 4.48
N TYR A 183 -2.91 14.44 5.80
CA TYR A 183 -1.95 15.24 6.59
C TYR A 183 -0.54 15.36 5.97
N LEU A 184 0.06 14.22 5.63
CA LEU A 184 1.40 14.14 5.05
C LEU A 184 1.75 15.11 3.92
N LEU A 185 0.76 15.54 3.13
CA LEU A 185 1.08 16.31 1.91
C LEU A 185 1.50 17.75 2.19
N MET A 186 0.95 18.35 3.25
CA MET A 186 1.41 19.69 3.65
C MET A 186 2.92 19.63 4.01
N GLN A 187 3.21 18.66 4.90
CA GLN A 187 4.55 18.49 5.45
C GLN A 187 5.60 18.61 4.37
N LEU A 188 5.38 17.91 3.27
CA LEU A 188 6.29 17.98 2.11
C LEU A 188 6.19 19.36 1.43
N MET A 189 4.79 19.75 1.23
CA MET A 189 4.58 20.99 0.46
C MET A 189 5.29 22.19 1.09
N ARG A 190 4.86 22.49 2.34
CA ARG A 190 5.27 23.73 3.00
C ARG A 190 5.36 23.57 4.52
N GLN A 191 6.10 22.54 4.96
CA GLN A 191 6.46 22.39 6.38
C GLN A 191 7.79 21.66 6.51
N SER A 192 8.53 21.56 5.39
CA SER A 192 9.67 20.65 5.31
C SER A 192 10.47 20.55 6.62
N GLY A 193 11.29 21.56 6.93
CA GLY A 193 12.14 21.50 8.11
C GLY A 193 11.50 22.08 9.35
N MET A 194 10.57 21.32 9.96
CA MET A 194 9.77 21.77 11.11
C MET A 194 9.65 20.73 12.23
N GLY A 195 9.51 21.26 13.48
CA GLY A 195 9.42 20.41 14.66
C GLY A 195 8.16 19.56 14.66
N ILE A 196 8.26 18.37 15.29
CA ILE A 196 7.17 17.40 15.22
C ILE A 196 6.07 17.66 16.24
N ASN A 197 6.38 18.39 17.29
CA ASN A 197 5.32 18.95 18.13
C ASN A 197 4.65 20.04 17.33
N GLN A 198 5.47 20.73 16.55
CA GLN A 198 5.07 21.91 15.79
C GLN A 198 4.08 21.57 14.68
N VAL A 199 4.21 20.38 14.11
CA VAL A 199 3.30 19.93 13.06
C VAL A 199 2.03 19.28 13.63
N VAL A 200 2.17 18.51 14.71
CA VAL A 200 1.02 17.82 15.30
C VAL A 200 0.10 18.82 15.98
N ASN A 201 0.68 19.79 16.69
CA ASN A 201 -0.12 20.85 17.32
C ASN A 201 -0.89 21.67 16.30
N GLN A 202 -0.21 22.02 15.20
CA GLN A 202 -0.83 22.75 14.08
C GLN A 202 -1.99 21.99 13.42
N ILE A 203 -1.75 20.74 13.04
CA ILE A 203 -2.84 19.87 12.55
C ILE A 203 -4.02 19.85 13.55
N LEU A 204 -3.72 19.63 14.83
CA LEU A 204 -4.76 19.54 15.86
C LEU A 204 -5.55 20.84 16.05
N ARG A 205 -4.83 21.98 16.14
CA ARG A 205 -5.47 23.29 16.22
C ARG A 205 -6.39 23.53 15.02
N ASP A 206 -5.85 23.33 13.81
CA ASP A 206 -6.66 23.35 12.59
C ASP A 206 -7.91 22.50 12.71
N LYS A 207 -7.85 21.42 13.50
CA LYS A 207 -9.00 20.53 13.66
C LYS A 207 -10.19 21.20 14.37
N SER A 208 -9.95 21.94 15.44
CA SER A 208 -11.07 22.65 16.08
C SER A 208 -11.52 23.89 15.28
N LYS A 209 -10.79 24.22 14.22
CA LYS A 209 -11.12 25.38 13.37
C LYS A 209 -12.53 25.28 12.78
N ILE A 210 -12.84 24.16 12.12
CA ILE A 210 -14.21 23.90 11.72
C ILE A 210 -15.04 23.46 12.96
N ALA A 211 -16.33 23.81 12.98
CA ALA A 211 -17.20 23.55 14.14
C ALA A 211 -18.12 22.37 13.87
N PRO A 212 -18.61 21.70 14.93
CA PRO A 212 -19.51 20.56 14.66
C PRO A 212 -20.91 21.03 14.39
N ILE A 213 -21.70 20.18 13.76
CA ILE A 213 -23.11 20.44 13.62
C ILE A 213 -23.72 20.26 15.01
N VAL A 214 -24.48 21.26 15.43
CA VAL A 214 -25.19 21.19 16.68
C VAL A 214 -26.68 21.34 16.42
N VAL A 215 -27.46 20.37 16.88
CA VAL A 215 -28.90 20.46 16.78
C VAL A 215 -29.48 20.52 18.18
N ILE A 216 -30.43 21.43 18.37
CA ILE A 216 -31.25 21.44 19.56
C ILE A 216 -32.62 20.90 19.15
N ARG A 217 -32.90 19.65 19.54
CA ARG A 217 -34.09 18.93 19.08
C ARG A 217 -35.39 19.56 19.59
N GLU A 218 -36.45 19.39 18.83
CA GLU A 218 -37.78 19.74 19.32
C GLU A 218 -38.06 18.94 20.59
N GLY A 219 -38.83 19.53 21.50
CA GLY A 219 -39.07 18.92 22.81
C GLY A 219 -38.10 19.45 23.84
N SER A 220 -37.08 20.16 23.38
CA SER A 220 -36.15 20.81 24.27
C SER A 220 -36.93 21.80 25.11
N ARG A 221 -36.54 21.88 26.38
CA ARG A 221 -37.21 22.72 27.35
C ARG A 221 -36.39 23.97 27.63
N VAL A 222 -37.06 25.10 27.70
CA VAL A 222 -36.40 26.40 27.67
C VAL A 222 -37.06 27.42 28.63
N PHE A 223 -36.30 28.37 29.15
CA PHE A 223 -36.87 29.56 29.78
C PHE A 223 -36.68 30.74 28.85
N ILE A 224 -37.77 31.41 28.51
CA ILE A 224 -37.68 32.68 27.82
C ILE A 224 -37.75 33.79 28.86
N SER A 225 -36.73 34.66 28.87
CA SER A 225 -36.58 35.66 29.91
C SER A 225 -36.45 37.08 29.35
N PRO A 226 -37.35 37.99 29.75
CA PRO A 226 -37.25 39.36 29.32
C PRO A 226 -36.03 40.03 29.92
N ASN A 227 -35.31 40.78 29.08
CA ASN A 227 -34.17 41.55 29.55
C ASN A 227 -34.59 42.92 30.05
N THR A 228 -35.87 43.23 29.92
CA THR A 228 -36.44 44.42 30.52
C THR A 228 -37.85 44.14 30.89
N ASP A 229 -38.42 45.02 31.71
CA ASP A 229 -39.84 44.99 31.94
C ASP A 229 -40.54 45.13 30.59
N ILE A 230 -41.58 44.32 30.38
CA ILE A 230 -42.39 44.44 29.17
C ILE A 230 -43.83 44.78 29.52
N PHE A 231 -44.30 45.91 29.01
CA PHE A 231 -45.67 46.33 29.26
C PHE A 231 -46.55 45.91 28.11
N PHE A 232 -47.68 45.30 28.46
CA PHE A 232 -48.62 44.76 27.50
C PHE A 232 -49.89 45.63 27.48
N PRO A 233 -50.02 46.53 26.48
CA PRO A 233 -51.27 47.30 26.38
C PRO A 233 -52.46 46.35 26.19
N ILE A 234 -53.65 46.87 26.51
CA ILE A 234 -54.91 46.13 26.32
C ILE A 234 -55.10 45.87 24.83
N PRO A 235 -55.37 44.62 24.44
CA PRO A 235 -55.45 44.26 23.02
C PRO A 235 -56.57 44.98 22.29
N ARG A 236 -56.22 45.56 21.14
CA ARG A 236 -57.20 46.13 20.23
C ARG A 236 -57.23 45.33 18.93
N GLU A 237 -58.41 44.82 18.57
CA GLU A 237 -58.59 43.99 17.37
C GLU A 237 -57.52 42.90 17.28
N ASN A 238 -57.44 42.10 18.34
CA ASN A 238 -56.51 40.95 18.40
C ASN A 238 -55.02 41.28 18.32
N GLU A 239 -54.66 42.52 18.66
CA GLU A 239 -53.27 42.94 18.53
C GLU A 239 -52.73 43.66 19.76
N VAL A 240 -51.56 43.25 20.23
CA VAL A 240 -50.87 43.94 21.31
C VAL A 240 -49.46 44.27 20.83
N ILE A 241 -49.15 45.56 20.82
CA ILE A 241 -47.79 45.99 20.54
C ILE A 241 -47.09 46.22 21.88
N ALA A 242 -46.22 45.29 22.27
CA ALA A 242 -45.57 45.33 23.57
C ALA A 242 -44.64 46.53 23.69
N GLU A 243 -44.50 47.05 24.90
CA GLU A 243 -43.53 48.13 25.18
C GLU A 243 -42.44 47.69 26.14
N PHE A 244 -41.20 47.97 25.78
CA PHE A 244 -40.07 47.58 26.61
C PHE A 244 -39.52 48.78 27.35
N LEU A 245 -39.87 48.90 28.64
CA LEU A 245 -39.44 50.04 29.45
C LEU A 245 -37.97 49.88 29.83
N LYS A 246 -37.09 50.31 28.92
CA LYS A 246 -35.64 50.09 29.06
C LYS A 246 -34.86 51.37 29.31
N GLU B 35 -36.33 -20.75 -26.93
CA GLU B 35 -35.20 -21.74 -26.94
C GLU B 35 -34.07 -21.31 -26.00
N ASN B 36 -34.02 -21.92 -24.80
CA ASN B 36 -33.07 -21.53 -23.75
C ASN B 36 -31.64 -21.53 -24.22
N LYS B 37 -30.97 -20.50 -23.79
CA LYS B 37 -29.69 -20.11 -24.28
C LYS B 37 -28.56 -21.06 -23.87
N LEU B 38 -28.64 -21.62 -22.67
CA LEU B 38 -27.58 -22.47 -22.10
C LEU B 38 -27.31 -23.73 -22.95
N LEU B 39 -28.23 -24.03 -23.85
CA LEU B 39 -28.10 -25.16 -24.77
C LEU B 39 -26.97 -24.99 -25.76
N ARG B 40 -26.52 -23.75 -25.93
CA ARG B 40 -25.43 -23.41 -26.84
C ARG B 40 -24.51 -22.35 -26.23
N THR B 41 -24.10 -22.58 -24.98
CA THR B 41 -23.28 -21.65 -24.23
C THR B 41 -22.11 -22.37 -23.62
N ILE B 42 -20.94 -21.74 -23.60
CA ILE B 42 -19.80 -22.25 -22.88
C ILE B 42 -19.66 -21.42 -21.64
N THR B 43 -19.67 -22.07 -20.48
CA THR B 43 -19.64 -21.40 -19.19
C THR B 43 -18.31 -20.74 -19.00
N ALA B 44 -18.33 -19.58 -18.37
CA ALA B 44 -17.11 -18.91 -17.90
C ALA B 44 -16.17 -19.89 -17.21
N ASP B 45 -14.88 -19.74 -17.50
CA ASP B 45 -13.83 -20.61 -16.95
C ASP B 45 -13.98 -22.12 -17.25
N LYS B 46 -14.65 -22.47 -18.34
CA LYS B 46 -14.43 -23.75 -18.95
C LYS B 46 -12.95 -23.75 -19.35
N MET B 47 -12.30 -24.91 -19.28
CA MET B 47 -10.90 -25.00 -19.66
C MET B 47 -10.79 -25.72 -20.99
N ILE B 48 -10.61 -24.96 -22.07
CA ILE B 48 -10.49 -25.55 -23.40
C ILE B 48 -9.02 -25.90 -23.62
N PRO B 49 -8.66 -27.19 -23.47
CA PRO B 49 -7.27 -27.57 -23.65
C PRO B 49 -6.85 -27.50 -25.12
N ALA B 50 -5.69 -26.88 -25.36
CA ALA B 50 -5.16 -26.75 -26.71
C ALA B 50 -3.65 -26.82 -26.70
N PHE B 51 -3.07 -27.16 -27.83
CA PHE B 51 -1.62 -27.09 -28.01
C PHE B 51 -1.29 -26.13 -29.13
N LEU B 52 -0.14 -25.47 -29.01
CA LEU B 52 0.28 -24.45 -29.98
C LEU B 52 0.92 -25.10 -31.18
N ILE B 53 0.45 -24.74 -32.37
CA ILE B 53 1.05 -25.17 -33.63
C ILE B 53 2.15 -24.22 -34.08
N THR B 54 2.03 -22.97 -33.64
CA THR B 54 2.95 -21.89 -33.97
C THR B 54 3.59 -21.41 -32.69
N PRO B 55 4.90 -21.09 -32.73
CA PRO B 55 5.54 -20.58 -31.52
C PRO B 55 5.16 -19.12 -31.22
N ILE B 56 5.43 -18.70 -30.00
CA ILE B 56 5.33 -17.30 -29.61
C ILE B 56 6.72 -16.77 -29.20
N SER B 57 7.32 -15.91 -30.03
CA SER B 57 8.59 -15.23 -29.64
C SER B 57 8.33 -13.89 -28.89
N SER B 58 9.22 -13.53 -27.94
CA SER B 58 9.07 -12.29 -27.13
C SER B 58 9.56 -10.95 -27.79
N GLN B 59 10.35 -11.02 -28.86
CA GLN B 59 10.60 -9.81 -29.64
C GLN B 59 9.39 -9.56 -30.56
N ILE B 60 9.37 -10.29 -31.69
CA ILE B 60 8.26 -10.29 -32.65
C ILE B 60 6.92 -10.29 -31.89
N ALA B 61 6.06 -9.32 -32.20
CA ALA B 61 4.62 -9.46 -31.95
C ALA B 61 3.98 -10.03 -33.23
N GLY B 62 3.14 -11.06 -33.11
CA GLY B 62 2.61 -11.75 -34.31
C GLY B 62 1.36 -12.60 -34.14
N LYS B 63 1.27 -13.65 -34.94
CA LYS B 63 0.09 -14.53 -34.98
C LYS B 63 0.41 -15.91 -34.37
N VAL B 64 -0.57 -16.49 -33.68
CA VAL B 64 -0.44 -17.83 -33.12
C VAL B 64 -1.62 -18.72 -33.49
N ILE B 65 -1.34 -19.99 -33.76
CA ILE B 65 -2.39 -20.96 -34.03
C ILE B 65 -2.33 -22.08 -32.99
N ALA B 66 -3.46 -22.35 -32.35
CA ALA B 66 -3.57 -23.47 -31.43
C ALA B 66 -4.57 -24.47 -31.95
N GLN B 67 -4.50 -25.69 -31.44
CA GLN B 67 -5.45 -26.73 -31.82
C GLN B 67 -6.14 -27.32 -30.60
N VAL B 68 -7.47 -27.29 -30.61
CA VAL B 68 -8.26 -27.78 -29.49
C VAL B 68 -8.13 -29.30 -29.35
N GLU B 69 -7.97 -29.77 -28.12
CA GLU B 69 -7.62 -31.17 -27.86
C GLU B 69 -8.80 -32.13 -27.64
N SER B 70 -9.98 -31.59 -27.40
CA SER B 70 -11.15 -32.44 -27.15
C SER B 70 -12.41 -31.66 -27.35
N ASP B 71 -13.52 -32.38 -27.59
CA ASP B 71 -14.82 -31.73 -27.82
C ASP B 71 -15.20 -30.85 -26.65
N ILE B 72 -15.71 -29.67 -26.94
CA ILE B 72 -16.19 -28.79 -25.91
C ILE B 72 -17.72 -28.74 -26.01
N PHE B 73 -18.37 -29.23 -24.97
CA PHE B 73 -19.82 -29.31 -24.95
C PHE B 73 -20.42 -28.04 -24.40
N ALA B 74 -21.67 -27.77 -24.77
CA ALA B 74 -22.41 -26.66 -24.20
C ALA B 74 -22.82 -27.01 -22.79
N HIS B 75 -22.91 -25.99 -21.94
CA HIS B 75 -23.18 -26.19 -20.51
C HIS B 75 -24.35 -27.11 -20.21
N MET B 76 -25.33 -27.10 -21.08
CA MET B 76 -26.53 -27.93 -20.95
C MET B 76 -26.81 -28.58 -22.31
N GLY B 77 -27.31 -29.81 -22.30
CA GLY B 77 -27.52 -30.57 -23.53
C GLY B 77 -26.25 -31.26 -24.03
N LYS B 78 -26.23 -31.60 -25.30
CA LYS B 78 -25.19 -32.45 -25.84
C LYS B 78 -24.55 -31.86 -27.11
N ALA B 79 -24.84 -30.60 -27.39
CA ALA B 79 -24.22 -29.93 -28.53
C ALA B 79 -22.69 -29.80 -28.33
N VAL B 80 -21.94 -30.21 -29.34
CA VAL B 80 -20.51 -29.96 -29.35
C VAL B 80 -20.28 -28.61 -29.99
N LEU B 81 -20.01 -27.59 -29.19
CA LEU B 81 -19.84 -26.23 -29.70
C LEU B 81 -18.45 -26.00 -30.31
N ILE B 82 -17.40 -26.49 -29.66
CA ILE B 82 -16.07 -26.51 -30.27
C ILE B 82 -15.57 -27.95 -30.39
N PRO B 83 -15.60 -28.48 -31.62
CA PRO B 83 -15.16 -29.85 -31.93
C PRO B 83 -13.66 -30.05 -31.74
N LYS B 84 -13.27 -31.19 -31.20
CA LYS B 84 -11.87 -31.60 -31.13
C LYS B 84 -11.23 -31.36 -32.48
N GLY B 85 -10.02 -30.80 -32.46
CA GLY B 85 -9.28 -30.61 -33.69
C GLY B 85 -9.46 -29.25 -34.34
N SER B 86 -10.33 -28.42 -33.77
CA SER B 86 -10.53 -27.06 -34.26
C SER B 86 -9.25 -26.25 -34.11
N LYS B 87 -8.97 -25.39 -35.09
CA LYS B 87 -7.87 -24.47 -34.99
C LYS B 87 -8.37 -23.20 -34.33
N VAL B 88 -7.60 -22.67 -33.39
CA VAL B 88 -7.88 -21.34 -32.81
C VAL B 88 -6.83 -20.36 -33.28
N ILE B 89 -7.27 -19.26 -33.86
CA ILE B 89 -6.35 -18.27 -34.37
C ILE B 89 -6.33 -17.08 -33.44
N GLY B 90 -5.13 -16.71 -32.99
CA GLY B 90 -4.95 -15.57 -32.11
C GLY B 90 -3.82 -14.65 -32.54
N TYR B 91 -3.77 -13.47 -31.93
CA TYR B 91 -2.72 -12.50 -32.22
C TYR B 91 -2.13 -12.06 -30.91
N TYR B 92 -0.81 -11.99 -30.86
CA TYR B 92 -0.10 -11.78 -29.61
C TYR B 92 0.89 -10.63 -29.71
N SER B 93 1.14 -9.99 -28.57
CA SER B 93 2.21 -9.01 -28.46
C SER B 93 2.89 -9.10 -27.11
N ASN B 94 4.19 -8.80 -27.12
CA ASN B 94 4.94 -8.66 -25.88
C ASN B 94 5.20 -7.22 -25.56
N ASN B 95 5.50 -6.93 -24.31
CA ASN B 95 5.64 -5.54 -23.98
C ASN B 95 7.06 -5.20 -23.55
N ASN B 96 7.52 -5.78 -22.43
CA ASN B 96 8.85 -5.47 -21.86
C ASN B 96 9.05 -3.96 -21.71
N LYS B 97 7.98 -3.29 -21.25
CA LYS B 97 8.09 -2.08 -20.44
C LYS B 97 8.65 -2.65 -19.16
N MET B 98 9.82 -3.27 -19.33
CA MET B 98 10.39 -4.33 -18.46
C MET B 98 9.67 -4.66 -17.15
N GLY B 99 9.33 -3.62 -16.38
CA GLY B 99 8.68 -3.77 -15.07
C GLY B 99 8.37 -5.23 -14.79
N GLU B 100 7.49 -5.79 -15.60
CA GLU B 100 7.27 -7.22 -15.64
C GLU B 100 7.17 -7.62 -17.13
N TYR B 101 7.52 -8.86 -17.45
CA TYR B 101 7.30 -9.37 -18.80
C TYR B 101 5.79 -9.45 -19.02
N ARG B 102 5.34 -9.16 -20.22
CA ARG B 102 3.92 -9.13 -20.48
C ARG B 102 3.52 -9.64 -21.87
N LEU B 103 2.72 -10.69 -21.89
CA LEU B 103 2.22 -11.30 -23.12
C LEU B 103 0.71 -11.21 -23.11
N ASP B 104 0.16 -10.69 -24.20
CA ASP B 104 -1.27 -10.66 -24.40
C ASP B 104 -1.60 -11.47 -25.64
N ILE B 105 -2.55 -12.38 -25.51
CA ILE B 105 -3.04 -13.11 -26.66
C ILE B 105 -4.52 -12.84 -26.81
N VAL B 106 -4.90 -12.28 -27.96
CA VAL B 106 -6.32 -12.15 -28.29
C VAL B 106 -6.72 -13.30 -29.23
N TRP B 107 -7.49 -14.25 -28.72
CA TRP B 107 -8.01 -15.30 -29.58
C TRP B 107 -9.19 -14.74 -30.37
N SER B 108 -9.01 -14.63 -31.67
CA SER B 108 -9.95 -13.90 -32.51
C SER B 108 -10.97 -14.80 -33.18
N ARG B 109 -10.54 -15.95 -33.71
CA ARG B 109 -11.51 -16.89 -34.27
C ARG B 109 -11.13 -18.35 -34.14
N ILE B 110 -12.15 -19.19 -34.21
CA ILE B 110 -12.00 -20.62 -34.17
C ILE B 110 -12.48 -21.17 -35.49
N ILE B 111 -11.72 -22.07 -36.09
CA ILE B 111 -12.15 -22.77 -37.31
C ILE B 111 -12.33 -24.26 -37.03
N THR B 112 -13.57 -24.74 -37.12
CA THR B 112 -13.87 -26.16 -36.89
C THR B 112 -13.31 -27.00 -38.04
N PRO B 113 -13.09 -28.30 -37.78
CA PRO B 113 -12.54 -29.18 -38.81
C PRO B 113 -13.39 -29.21 -40.07
N HIS B 114 -14.71 -29.05 -39.90
CA HIS B 114 -15.60 -28.99 -41.05
C HIS B 114 -15.56 -27.64 -41.74
N GLY B 115 -14.95 -26.66 -41.09
CA GLY B 115 -14.70 -25.36 -41.70
C GLY B 115 -15.72 -24.27 -41.38
N ILE B 116 -16.45 -24.41 -40.27
CA ILE B 116 -17.32 -23.30 -39.84
C ILE B 116 -16.47 -22.31 -39.05
N ASN B 117 -16.63 -21.03 -39.36
CA ASN B 117 -15.88 -19.99 -38.68
C ASN B 117 -16.62 -19.40 -37.50
N ILE B 118 -15.99 -19.46 -36.34
CA ILE B 118 -16.55 -18.84 -35.14
C ILE B 118 -15.77 -17.58 -34.80
N MET B 119 -16.41 -16.43 -34.97
CA MET B 119 -15.80 -15.14 -34.62
C MET B 119 -15.84 -14.89 -33.13
N LEU B 120 -14.72 -14.41 -32.61
CA LEU B 120 -14.61 -13.99 -31.22
C LEU B 120 -14.29 -12.51 -31.19
N THR B 121 -13.36 -12.09 -32.04
CA THR B 121 -13.04 -10.68 -32.21
C THR B 121 -12.61 -10.47 -33.66
N ASN B 122 -13.18 -9.46 -34.34
CA ASN B 122 -12.90 -9.20 -35.78
C ASN B 122 -11.47 -8.68 -36.10
N ALA B 123 -11.11 -8.45 -37.36
CA ALA B 123 -9.80 -7.86 -37.65
C ALA B 123 -9.83 -6.68 -38.65
N LYS B 124 -8.82 -5.82 -38.54
CA LYS B 124 -8.61 -4.64 -39.41
C LYS B 124 -7.48 -3.76 -38.85
N GLY B 125 -6.61 -4.34 -38.01
CA GLY B 125 -5.50 -3.61 -37.39
C GLY B 125 -4.15 -3.90 -38.04
N ASN B 132 2.50 -4.55 -34.40
CA ASN B 132 2.58 -4.87 -32.96
C ASN B 132 1.43 -4.26 -32.17
N GLY B 133 0.98 -3.09 -32.63
CA GLY B 133 -0.18 -2.40 -32.08
C GLY B 133 -1.47 -2.93 -32.67
N LEU B 134 -1.45 -4.20 -33.06
CA LEU B 134 -2.63 -4.91 -33.59
C LEU B 134 -3.45 -5.43 -32.43
N VAL B 135 -2.73 -5.97 -31.46
CA VAL B 135 -3.32 -6.59 -30.28
C VAL B 135 -4.04 -5.55 -29.42
N GLY B 136 -3.41 -4.40 -29.21
CA GLY B 136 -3.99 -3.34 -28.40
C GLY B 136 -5.27 -2.79 -29.00
N GLU B 137 -5.31 -2.75 -30.34
CA GLU B 137 -6.47 -2.27 -31.09
C GLU B 137 -7.68 -3.19 -30.87
N LEU B 138 -7.42 -4.50 -30.83
CA LEU B 138 -8.46 -5.50 -30.53
C LEU B 138 -8.91 -5.40 -29.08
N ILE B 139 -7.94 -5.20 -28.18
CA ILE B 139 -8.26 -4.93 -26.79
C ILE B 139 -9.33 -3.83 -26.73
N GLU B 140 -9.12 -2.72 -27.43
CA GLU B 140 -10.09 -1.60 -27.45
C GLU B 140 -11.46 -2.06 -27.91
N ARG B 141 -11.49 -2.78 -29.03
CA ARG B 141 -12.74 -3.30 -29.59
C ARG B 141 -13.45 -4.25 -28.65
N ASN B 142 -12.67 -4.96 -27.84
CA ASN B 142 -13.21 -5.86 -26.82
C ASN B 142 -13.77 -5.11 -25.63
N PHE B 143 -13.09 -4.02 -25.27
CA PHE B 143 -13.48 -3.22 -24.12
C PHE B 143 -14.82 -2.54 -24.38
N GLN B 144 -14.80 -1.43 -25.12
CA GLN B 144 -16.01 -0.64 -25.43
C GLN B 144 -17.16 -1.45 -26.09
N ARG B 145 -16.95 -2.76 -26.24
CA ARG B 145 -18.03 -3.67 -26.57
C ARG B 145 -18.52 -4.39 -25.32
N TYR B 146 -17.56 -4.91 -24.54
CA TYR B 146 -17.86 -5.81 -23.44
C TYR B 146 -17.26 -5.42 -22.09
N GLY B 147 -16.51 -4.32 -22.07
CA GLY B 147 -15.85 -3.83 -20.86
C GLY B 147 -14.96 -4.84 -20.15
N VAL B 148 -14.00 -5.40 -20.90
CA VAL B 148 -12.93 -6.29 -20.41
C VAL B 148 -11.85 -6.26 -21.49
N PRO B 149 -10.56 -6.20 -21.12
CA PRO B 149 -9.53 -6.17 -22.16
C PRO B 149 -9.43 -7.48 -22.99
N LEU B 150 -9.51 -8.63 -22.32
CA LEU B 150 -9.41 -9.91 -23.01
C LEU B 150 -10.65 -10.71 -22.70
N LEU B 151 -11.21 -11.33 -23.74
CA LEU B 151 -12.42 -12.13 -23.56
C LEU B 151 -12.08 -13.58 -23.21
N LEU B 152 -10.85 -13.98 -23.53
CA LEU B 152 -10.40 -15.34 -23.29
C LEU B 152 -9.02 -15.31 -22.67
N SER B 153 -8.86 -15.95 -21.52
CA SER B 153 -7.57 -16.08 -20.88
C SER B 153 -6.79 -17.25 -21.44
N THR B 154 -5.47 -17.19 -21.36
CA THR B 154 -4.62 -18.27 -21.81
C THR B 154 -3.79 -18.75 -20.63
N LEU B 155 -4.05 -19.97 -20.21
CA LEU B 155 -3.45 -20.57 -19.01
C LEU B 155 -2.54 -21.72 -19.38
N THR B 156 -1.63 -22.09 -18.46
CA THR B 156 -0.65 -23.15 -18.71
C THR B 156 -1.26 -24.51 -18.63
N ASN B 157 -0.82 -25.37 -19.52
CA ASN B 157 -1.02 -26.79 -19.36
C ASN B 157 0.30 -27.48 -19.65
N GLY B 158 1.38 -26.74 -19.41
CA GLY B 158 2.72 -27.20 -19.74
C GLY B 158 3.28 -26.47 -20.93
N LEU B 159 3.90 -25.34 -20.68
CA LEU B 159 4.51 -24.54 -21.73
C LEU B 159 5.95 -24.93 -21.88
N LEU B 160 6.39 -25.03 -23.12
CA LEU B 160 7.80 -25.26 -23.41
C LEU B 160 8.48 -23.90 -23.57
N ILE B 161 9.16 -23.45 -22.52
CA ILE B 161 9.66 -22.08 -22.49
C ILE B 161 11.16 -22.04 -22.64
N GLY B 162 11.63 -21.37 -23.67
CA GLY B 162 13.06 -21.10 -23.85
C GLY B 162 13.35 -19.65 -23.53
N ILE B 163 14.37 -19.39 -22.71
CA ILE B 163 14.75 -18.02 -22.35
C ILE B 163 16.20 -17.76 -22.73
N THR B 164 16.40 -16.96 -23.78
CA THR B 164 17.73 -16.47 -24.08
C THR B 164 17.94 -15.11 -23.40
N SER B 165 18.40 -15.16 -22.15
CA SER B 165 18.91 -13.97 -21.46
C SER B 165 20.20 -13.44 -22.16
N ALA B 166 20.16 -13.46 -23.50
CA ALA B 166 21.27 -13.04 -24.36
C ALA B 166 21.01 -11.66 -25.00
N LEU B 167 22.02 -10.78 -24.90
CA LEU B 167 22.01 -9.45 -25.55
C LEU B 167 22.42 -9.56 -27.03
N ASP B 182 29.25 -2.87 -23.63
CA ASP B 182 30.46 -2.15 -24.01
C ASP B 182 31.21 -1.64 -22.78
N TYR B 183 31.31 -2.52 -21.76
CA TYR B 183 31.78 -2.22 -20.39
C TYR B 183 32.84 -1.10 -20.21
N LEU B 184 33.99 -1.26 -20.85
CA LEU B 184 35.12 -0.36 -20.63
C LEU B 184 34.86 1.08 -21.05
N LEU B 185 34.44 1.26 -22.30
CA LEU B 185 34.32 2.60 -22.90
C LEU B 185 33.35 3.47 -22.12
N MET B 186 32.32 2.84 -21.56
CA MET B 186 31.33 3.55 -20.75
C MET B 186 31.95 4.08 -19.45
N GLN B 187 32.84 3.31 -18.83
CA GLN B 187 33.55 3.80 -17.64
C GLN B 187 34.39 5.04 -17.92
N LEU B 188 35.04 5.07 -19.07
CA LEU B 188 35.95 6.14 -19.40
C LEU B 188 35.21 7.41 -19.77
N MET B 189 34.10 7.28 -20.48
CA MET B 189 33.29 8.43 -20.87
C MET B 189 32.32 8.84 -19.76
N ARG B 190 31.57 7.86 -19.21
CA ARG B 190 30.58 8.10 -18.14
C ARG B 190 31.17 8.27 -16.72
N GLN B 191 32.00 7.31 -16.27
CA GLN B 191 32.27 7.18 -14.82
C GLN B 191 33.73 7.17 -14.30
N SER B 192 34.59 8.02 -14.83
CA SER B 192 35.94 8.11 -14.31
C SER B 192 35.92 8.69 -12.91
N GLY B 193 36.86 8.27 -12.06
CA GLY B 193 36.92 8.73 -10.68
C GLY B 193 35.83 8.18 -9.77
N MET B 194 34.93 7.39 -10.32
CA MET B 194 33.90 6.77 -9.53
C MET B 194 34.50 5.57 -8.83
N GLY B 195 34.02 5.28 -7.62
CA GLY B 195 34.54 4.15 -6.85
C GLY B 195 34.05 2.80 -7.31
N ILE B 196 34.87 1.77 -7.11
CA ILE B 196 34.67 0.44 -7.71
C ILE B 196 33.25 -0.10 -7.56
N ASN B 197 32.70 -0.01 -6.35
CA ASN B 197 31.35 -0.48 -6.06
C ASN B 197 30.26 0.24 -6.82
N GLN B 198 30.23 1.57 -6.73
CA GLN B 198 29.26 2.34 -7.51
C GLN B 198 29.24 1.90 -8.98
N VAL B 199 30.40 1.90 -9.63
CA VAL B 199 30.48 1.51 -11.04
C VAL B 199 30.05 0.07 -11.33
N VAL B 200 30.51 -0.90 -10.55
CA VAL B 200 30.08 -2.28 -10.81
C VAL B 200 28.63 -2.48 -10.43
N ASN B 201 28.19 -1.85 -9.34
CA ASN B 201 26.81 -2.03 -8.88
C ASN B 201 25.80 -1.48 -9.85
N GLN B 202 26.23 -0.50 -10.63
CA GLN B 202 25.33 0.14 -11.57
C GLN B 202 25.59 -0.33 -13.00
N ILE B 203 26.32 -1.42 -13.11
CA ILE B 203 26.41 -2.14 -14.38
C ILE B 203 25.50 -3.36 -14.26
N LEU B 204 25.53 -4.00 -13.10
CA LEU B 204 24.57 -5.03 -12.78
C LEU B 204 23.13 -4.53 -12.91
N ARG B 205 22.84 -3.34 -12.35
CA ARG B 205 21.52 -2.69 -12.51
C ARG B 205 21.12 -2.56 -13.97
N ASP B 206 22.09 -2.36 -14.84
CA ASP B 206 21.82 -2.15 -16.24
C ASP B 206 21.72 -3.47 -16.94
N LYS B 207 22.55 -4.43 -16.52
CA LYS B 207 22.54 -5.76 -17.11
C LYS B 207 21.15 -6.45 -16.99
N SER B 208 20.45 -6.22 -15.88
CA SER B 208 19.10 -6.76 -15.69
C SER B 208 17.98 -5.83 -16.20
N LYS B 209 18.33 -4.62 -16.63
CA LYS B 209 17.37 -3.67 -17.22
C LYS B 209 16.95 -4.12 -18.64
N ILE B 210 17.87 -4.79 -19.35
CA ILE B 210 17.55 -5.41 -20.64
C ILE B 210 16.79 -6.76 -20.51
N ALA B 211 15.59 -6.78 -21.09
CA ALA B 211 14.68 -7.93 -21.08
C ALA B 211 15.24 -9.09 -21.86
N PRO B 212 15.18 -10.30 -21.28
CA PRO B 212 15.52 -11.53 -22.03
C PRO B 212 14.49 -11.84 -23.11
N ILE B 213 14.92 -12.52 -24.17
CA ILE B 213 14.02 -12.94 -25.25
C ILE B 213 13.38 -14.34 -24.98
N VAL B 214 12.15 -14.30 -24.53
CA VAL B 214 11.39 -15.46 -24.13
C VAL B 214 10.63 -16.06 -25.30
N VAL B 215 10.81 -17.37 -25.52
CA VAL B 215 10.07 -18.05 -26.56
C VAL B 215 9.21 -19.11 -25.92
N ILE B 216 7.96 -19.19 -26.36
CA ILE B 216 7.08 -20.28 -26.01
C ILE B 216 6.95 -21.14 -27.25
N ARG B 217 7.63 -22.30 -27.22
CA ARG B 217 7.77 -23.14 -28.41
C ARG B 217 6.45 -23.75 -28.82
N GLU B 218 6.34 -24.07 -30.10
CA GLU B 218 5.20 -24.85 -30.59
C GLU B 218 5.18 -26.19 -29.88
N GLY B 219 3.98 -26.73 -29.66
CA GLY B 219 3.81 -27.95 -28.90
C GLY B 219 3.53 -27.65 -27.44
N SER B 220 3.69 -26.39 -27.05
CA SER B 220 3.31 -25.96 -25.73
C SER B 220 1.83 -26.22 -25.53
N ARG B 221 1.50 -26.67 -24.32
CA ARG B 221 0.14 -27.05 -23.97
C ARG B 221 -0.48 -25.97 -23.12
N VAL B 222 -1.73 -25.65 -23.42
CA VAL B 222 -2.41 -24.45 -22.93
C VAL B 222 -3.91 -24.71 -22.58
N PHE B 223 -4.45 -23.95 -21.63
CA PHE B 223 -5.91 -23.89 -21.44
C PHE B 223 -6.42 -22.55 -21.92
N ILE B 224 -7.37 -22.55 -22.85
CA ILE B 224 -8.01 -21.32 -23.24
C ILE B 224 -9.29 -21.23 -22.44
N SER B 225 -9.46 -20.12 -21.74
CA SER B 225 -10.54 -20.00 -20.78
C SER B 225 -11.36 -18.75 -21.00
N PRO B 226 -12.66 -18.91 -21.23
CA PRO B 226 -13.54 -17.75 -21.41
C PRO B 226 -13.67 -16.97 -20.13
N ASN B 227 -13.54 -15.65 -20.22
CA ASN B 227 -13.76 -14.77 -19.06
C ASN B 227 -15.22 -14.43 -18.85
N THR B 228 -16.06 -14.84 -19.81
CA THR B 228 -17.51 -14.75 -19.66
C THR B 228 -18.16 -15.95 -20.31
N ASP B 229 -19.44 -16.14 -20.03
CA ASP B 229 -20.24 -17.07 -20.79
C ASP B 229 -20.20 -16.64 -22.24
N ILE B 230 -20.00 -17.60 -23.13
CA ILE B 230 -20.02 -17.31 -24.56
C ILE B 230 -21.15 -18.09 -25.22
N PHE B 231 -22.09 -17.36 -25.80
CA PHE B 231 -23.20 -17.97 -26.54
C PHE B 231 -22.86 -18.10 -28.03
N PHE B 232 -23.10 -19.30 -28.56
CA PHE B 232 -22.78 -19.62 -29.96
C PHE B 232 -24.07 -19.77 -30.72
N PRO B 233 -24.46 -18.75 -31.51
CA PRO B 233 -25.63 -18.92 -32.38
C PRO B 233 -25.48 -20.09 -33.37
N ILE B 234 -26.60 -20.61 -33.84
CA ILE B 234 -26.59 -21.67 -34.86
C ILE B 234 -25.92 -21.11 -36.12
N PRO B 235 -24.92 -21.84 -36.66
CA PRO B 235 -24.17 -21.33 -37.80
C PRO B 235 -25.04 -21.10 -39.05
N ARG B 236 -24.90 -19.93 -39.65
CA ARG B 236 -25.50 -19.62 -40.96
C ARG B 236 -24.37 -19.41 -41.99
N GLU B 237 -24.45 -20.15 -43.10
CA GLU B 237 -23.42 -20.10 -44.16
C GLU B 237 -21.99 -20.16 -43.60
N ASN B 238 -21.73 -21.19 -42.80
CA ASN B 238 -20.41 -21.45 -42.21
C ASN B 238 -19.88 -20.35 -41.29
N GLU B 239 -20.78 -19.57 -40.71
CA GLU B 239 -20.35 -18.48 -39.86
C GLU B 239 -21.10 -18.43 -38.52
N VAL B 240 -20.34 -18.25 -37.44
CA VAL B 240 -20.93 -18.02 -36.13
C VAL B 240 -20.32 -16.76 -35.53
N ILE B 241 -21.15 -15.78 -35.24
CA ILE B 241 -20.68 -14.60 -34.52
C ILE B 241 -21.03 -14.78 -33.05
N ALA B 242 -20.02 -15.09 -32.24
CA ALA B 242 -20.21 -15.44 -30.83
C ALA B 242 -20.70 -14.25 -30.02
N GLU B 243 -21.53 -14.51 -29.01
CA GLU B 243 -21.98 -13.46 -28.09
C GLU B 243 -21.46 -13.65 -26.67
N PHE B 244 -20.91 -12.59 -26.10
CA PHE B 244 -20.34 -12.65 -24.76
C PHE B 244 -21.31 -12.00 -23.78
N LEU B 245 -22.08 -12.81 -23.06
CA LEU B 245 -23.04 -12.31 -22.08
C LEU B 245 -22.31 -11.77 -20.82
N LYS B 246 -21.81 -10.54 -20.91
CA LYS B 246 -20.97 -9.97 -19.86
C LYS B 246 -21.70 -8.86 -19.09
N ASN C 36 56.96 22.25 6.79
CA ASN C 36 58.02 21.29 6.41
C ASN C 36 57.43 19.88 6.18
N LYS C 37 56.58 19.41 7.11
CA LYS C 37 55.90 18.11 6.96
C LYS C 37 55.42 17.88 5.51
N LEU C 38 54.86 18.93 4.87
CA LEU C 38 54.34 18.85 3.49
C LEU C 38 55.34 18.23 2.53
N LEU C 39 56.62 18.59 2.68
CA LEU C 39 57.68 18.11 1.77
C LEU C 39 57.70 16.60 1.58
N ARG C 40 57.02 15.88 2.47
CA ARG C 40 56.91 14.42 2.38
C ARG C 40 55.48 13.91 2.68
N THR C 41 54.49 14.57 2.10
CA THR C 41 53.09 14.26 2.35
C THR C 41 52.38 14.11 1.03
N ILE C 42 51.45 13.16 0.96
CA ILE C 42 50.56 13.05 -0.18
C ILE C 42 49.22 13.58 0.26
N THR C 43 48.69 14.54 -0.50
CA THR C 43 47.42 15.19 -0.17
C THR C 43 46.25 14.24 -0.35
N ALA C 44 45.29 14.33 0.56
CA ALA C 44 44.03 13.63 0.43
C ALA C 44 43.51 13.75 -1.00
N ASP C 45 42.96 12.65 -1.49
CA ASP C 45 42.43 12.56 -2.85
C ASP C 45 43.43 12.92 -3.98
N LYS C 46 44.72 12.70 -3.74
CA LYS C 46 45.62 12.53 -4.86
C LYS C 46 45.13 11.27 -5.55
N MET C 47 45.24 11.23 -6.87
CA MET C 47 44.84 10.06 -7.62
C MET C 47 46.11 9.32 -8.04
N ILE C 48 46.39 8.22 -7.37
CA ILE C 48 47.53 7.39 -7.74
C ILE C 48 47.10 6.35 -8.74
N PRO C 49 47.42 6.59 -10.02
CA PRO C 49 46.99 5.66 -11.06
C PRO C 49 47.78 4.37 -11.00
N ALA C 50 47.08 3.25 -11.01
CA ALA C 50 47.70 1.94 -11.02
C ALA C 50 46.90 0.97 -11.86
N PHE C 51 47.56 -0.08 -12.32
CA PHE C 51 46.89 -1.18 -12.99
C PHE C 51 47.07 -2.47 -12.20
N LEU C 52 46.08 -3.37 -12.27
CA LEU C 52 46.11 -4.61 -11.51
C LEU C 52 46.93 -5.70 -12.20
N ILE C 53 47.86 -6.31 -11.47
CA ILE C 53 48.63 -7.43 -11.97
C ILE C 53 47.89 -8.74 -11.69
N THR C 54 47.05 -8.72 -10.66
CA THR C 54 46.32 -9.87 -10.18
C THR C 54 44.83 -9.56 -10.32
N PRO C 55 44.03 -10.58 -10.69
CA PRO C 55 42.58 -10.36 -10.78
C PRO C 55 41.90 -10.39 -9.41
N ILE C 56 40.71 -9.81 -9.35
CA ILE C 56 39.84 -9.85 -8.18
C ILE C 56 38.56 -10.61 -8.56
N SER C 57 38.42 -11.84 -8.04
CA SER C 57 37.18 -12.63 -8.20
C SER C 57 36.15 -12.35 -7.07
N SER C 58 34.86 -12.44 -7.39
CA SER C 58 33.81 -12.13 -6.40
C SER C 58 33.43 -13.27 -5.43
N GLN C 59 33.85 -14.50 -5.72
CA GLN C 59 33.67 -15.59 -4.74
C GLN C 59 34.83 -15.51 -3.74
N ILE C 60 35.98 -16.05 -4.17
CA ILE C 60 37.24 -15.93 -3.43
C ILE C 60 37.42 -14.52 -2.86
N ALA C 61 37.68 -14.45 -1.55
CA ALA C 61 38.31 -13.26 -0.96
C ALA C 61 39.81 -13.55 -0.92
N GLY C 62 40.64 -12.61 -1.35
CA GLY C 62 42.08 -12.87 -1.43
C GLY C 62 43.03 -11.67 -1.48
N LYS C 63 44.16 -11.85 -2.19
CA LYS C 63 45.20 -10.84 -2.34
C LYS C 63 45.22 -10.22 -3.75
N VAL C 64 45.56 -8.94 -3.83
CA VAL C 64 45.68 -8.25 -5.11
C VAL C 64 46.97 -7.44 -5.19
N ILE C 65 47.58 -7.43 -6.36
CA ILE C 65 48.79 -6.64 -6.56
C ILE C 65 48.55 -5.63 -7.68
N ALA C 66 48.79 -4.36 -7.40
CA ALA C 66 48.70 -3.32 -8.41
C ALA C 66 50.08 -2.69 -8.65
N GLN C 67 50.24 -2.03 -9.80
CA GLN C 67 51.49 -1.34 -10.06
C GLN C 67 51.25 0.12 -10.41
N VAL C 68 51.95 1.00 -9.73
CA VAL C 68 51.76 2.44 -9.87
C VAL C 68 52.31 2.87 -11.21
N GLU C 69 51.61 3.78 -11.88
CA GLU C 69 51.87 4.09 -13.30
C GLU C 69 52.76 5.29 -13.53
N SER C 70 52.97 6.11 -12.50
CA SER C 70 53.79 7.31 -12.62
C SER C 70 54.24 7.80 -11.26
N ASP C 71 55.34 8.55 -11.21
CA ASP C 71 55.88 9.08 -9.96
C ASP C 71 54.85 9.91 -9.19
N ILE C 72 54.72 9.64 -7.90
CA ILE C 72 53.84 10.41 -7.07
C ILE C 72 54.66 11.37 -6.20
N PHE C 73 54.50 12.67 -6.45
CA PHE C 73 55.28 13.72 -5.79
C PHE C 73 54.60 14.19 -4.51
N ALA C 74 55.41 14.57 -3.52
CA ALA C 74 54.88 15.17 -2.31
C ALA C 74 54.25 16.52 -2.60
N HIS C 75 53.20 16.85 -1.87
CA HIS C 75 52.41 18.06 -2.11
C HIS C 75 53.26 19.30 -2.35
N MET C 76 54.38 19.38 -1.67
CA MET C 76 55.29 20.51 -1.76
C MET C 76 56.70 19.96 -1.96
N GLY C 77 57.49 20.64 -2.78
CA GLY C 77 58.86 20.19 -3.05
C GLY C 77 58.90 19.21 -4.22
N LYS C 78 59.99 18.46 -4.32
CA LYS C 78 60.23 17.61 -5.48
C LYS C 78 60.52 16.15 -5.11
N ALA C 79 60.27 15.80 -3.85
CA ALA C 79 60.43 14.43 -3.39
C ALA C 79 59.47 13.48 -4.13
N VAL C 80 60.00 12.40 -4.68
CA VAL C 80 59.14 11.36 -5.21
C VAL C 80 58.88 10.37 -4.08
N LEU C 81 57.67 10.43 -3.50
CA LEU C 81 57.28 9.54 -2.41
C LEU C 81 56.85 8.14 -2.86
N ILE C 82 56.11 8.03 -3.96
CA ILE C 82 55.84 6.73 -4.56
C ILE C 82 56.34 6.71 -5.99
N PRO C 83 57.48 6.05 -6.22
CA PRO C 83 58.11 5.98 -7.54
C PRO C 83 57.29 5.18 -8.53
N LYS C 84 57.24 5.64 -9.78
CA LYS C 84 56.67 4.87 -10.89
C LYS C 84 57.17 3.43 -10.81
N GLY C 85 56.25 2.49 -10.98
CA GLY C 85 56.64 1.08 -11.03
C GLY C 85 56.56 0.37 -9.70
N SER C 86 56.21 1.08 -8.63
CA SER C 86 56.07 0.44 -7.32
C SER C 86 54.89 -0.53 -7.33
N LYS C 87 55.04 -1.64 -6.61
CA LYS C 87 53.95 -2.59 -6.43
C LYS C 87 53.12 -2.15 -5.23
N VAL C 88 51.80 -2.22 -5.34
CA VAL C 88 50.93 -2.02 -4.18
C VAL C 88 50.27 -3.34 -3.85
N ILE C 89 50.40 -3.75 -2.60
CA ILE C 89 49.84 -5.02 -2.17
C ILE C 89 48.62 -4.76 -1.32
N GLY C 90 47.52 -5.38 -1.73
CA GLY C 90 46.25 -5.24 -1.03
C GLY C 90 45.56 -6.56 -0.73
N TYR C 91 44.55 -6.49 0.14
CA TYR C 91 43.74 -7.63 0.45
C TYR C 91 42.26 -7.27 0.29
N TYR C 92 41.51 -8.16 -0.35
CA TYR C 92 40.15 -7.85 -0.73
C TYR C 92 39.18 -8.94 -0.28
N SER C 93 37.94 -8.52 -0.03
CA SER C 93 36.86 -9.46 0.21
C SER C 93 35.59 -8.93 -0.41
N ASN C 94 34.74 -9.86 -0.84
CA ASN C 94 33.39 -9.52 -1.29
C ASN C 94 32.38 -9.75 -0.19
N ASN C 95 31.51 -8.77 0.03
CA ASN C 95 30.36 -8.95 0.93
C ASN C 95 29.21 -9.64 0.17
N ASN C 96 28.89 -9.12 -1.01
CA ASN C 96 27.90 -9.71 -1.94
C ASN C 96 26.61 -10.22 -1.24
N LYS C 97 26.08 -9.42 -0.32
CA LYS C 97 24.87 -9.79 0.43
C LYS C 97 23.61 -8.94 0.10
N MET C 98 22.52 -9.63 -0.27
CA MET C 98 21.19 -9.03 -0.52
C MET C 98 21.01 -8.51 -1.96
N GLY C 99 21.78 -9.08 -2.90
CA GLY C 99 21.75 -8.64 -4.30
C GLY C 99 22.30 -7.23 -4.47
N GLU C 100 23.57 -7.03 -4.08
CA GLU C 100 24.28 -5.73 -4.14
C GLU C 100 25.80 -5.89 -3.86
N TYR C 101 26.58 -5.95 -4.94
CA TYR C 101 28.05 -6.15 -4.92
C TYR C 101 28.77 -5.21 -3.95
N ARG C 102 29.42 -5.79 -2.94
CA ARG C 102 30.31 -5.03 -2.10
C ARG C 102 31.73 -5.60 -2.09
N LEU C 103 32.68 -4.78 -2.56
CA LEU C 103 34.09 -5.10 -2.56
C LEU C 103 34.81 -4.15 -1.64
N ASP C 104 35.63 -4.69 -0.76
CA ASP C 104 36.54 -3.88 0.04
C ASP C 104 37.99 -4.24 -0.27
N ILE C 105 38.80 -3.24 -0.57
CA ILE C 105 40.22 -3.48 -0.77
C ILE C 105 41.00 -2.66 0.24
N VAL C 106 41.75 -3.35 1.10
CA VAL C 106 42.66 -2.67 2.02
C VAL C 106 44.04 -2.70 1.42
N TRP C 107 44.53 -1.56 0.98
CA TRP C 107 45.89 -1.50 0.49
C TRP C 107 46.80 -1.42 1.70
N SER C 108 47.60 -2.47 1.88
CA SER C 108 48.39 -2.62 3.11
C SER C 108 49.81 -2.10 2.99
N ARG C 109 50.52 -2.45 1.91
CA ARG C 109 51.87 -1.90 1.69
C ARG C 109 52.24 -1.64 0.25
N ILE C 110 53.20 -0.74 0.08
CA ILE C 110 53.75 -0.37 -1.22
C ILE C 110 55.21 -0.77 -1.23
N ILE C 111 55.63 -1.45 -2.27
CA ILE C 111 57.05 -1.79 -2.42
C ILE C 111 57.63 -1.03 -3.61
N THR C 112 58.58 -0.13 -3.34
CA THR C 112 59.23 0.64 -4.40
C THR C 112 60.14 -0.26 -5.21
N PRO C 113 60.46 0.15 -6.44
CA PRO C 113 61.31 -0.66 -7.31
C PRO C 113 62.69 -0.92 -6.70
N HIS C 114 63.17 0.00 -5.88
CA HIS C 114 64.43 -0.22 -5.20
C HIS C 114 64.29 -1.12 -3.98
N GLY C 115 63.06 -1.37 -3.57
CA GLY C 115 62.77 -2.33 -2.52
C GLY C 115 62.56 -1.75 -1.13
N ILE C 116 62.21 -0.47 -1.05
CA ILE C 116 61.84 0.08 0.26
C ILE C 116 60.37 -0.24 0.51
N ASN C 117 60.06 -0.72 1.71
CA ASN C 117 58.68 -1.07 2.07
C ASN C 117 57.94 0.04 2.78
N ILE C 118 56.82 0.46 2.20
CA ILE C 118 56.01 1.48 2.82
C ILE C 118 54.76 0.83 3.44
N MET C 119 54.69 0.82 4.77
CA MET C 119 53.55 0.26 5.48
C MET C 119 52.40 1.22 5.52
N LEU C 120 51.21 0.69 5.21
CA LEU C 120 49.97 1.44 5.30
C LEU C 120 49.08 0.80 6.35
N THR C 121 48.97 -0.53 6.33
CA THR C 121 48.29 -1.28 7.39
C THR C 121 48.97 -2.64 7.56
N ASN C 122 49.34 -2.97 8.81
CA ASN C 122 50.11 -4.17 9.11
C ASN C 122 49.53 -5.53 8.68
N ALA C 123 50.45 -6.43 8.31
CA ALA C 123 50.20 -7.66 7.54
C ALA C 123 49.28 -8.65 8.24
N TYR C 131 41.65 -15.41 4.19
CA TYR C 131 41.87 -14.10 3.59
C TYR C 131 40.84 -13.05 4.02
N ASN C 132 39.56 -13.44 4.10
CA ASN C 132 38.55 -12.54 4.67
C ASN C 132 38.58 -12.56 6.19
N GLY C 133 39.17 -13.61 6.74
CA GLY C 133 39.62 -13.57 8.12
C GLY C 133 40.53 -12.37 8.26
N LEU C 134 41.30 -12.08 7.22
CA LEU C 134 42.29 -11.00 7.28
C LEU C 134 41.73 -9.62 7.02
N VAL C 135 41.02 -9.46 5.90
CA VAL C 135 40.47 -8.16 5.51
C VAL C 135 39.77 -7.52 6.71
N GLY C 136 38.85 -8.27 7.32
CA GLY C 136 38.08 -7.79 8.47
C GLY C 136 38.94 -7.46 9.67
N GLU C 137 40.03 -8.22 9.81
CA GLU C 137 40.99 -7.99 10.86
C GLU C 137 41.77 -6.70 10.60
N LEU C 138 42.05 -6.40 9.34
CA LEU C 138 42.75 -5.17 8.98
C LEU C 138 41.89 -3.94 9.19
N ILE C 139 40.62 -4.00 8.77
CA ILE C 139 39.68 -2.88 8.91
C ILE C 139 39.50 -2.48 10.38
N GLU C 140 39.33 -3.49 11.24
CA GLU C 140 39.31 -3.27 12.70
C GLU C 140 40.57 -2.60 13.27
N ARG C 141 41.71 -2.76 12.58
CA ARG C 141 42.94 -2.09 13.00
C ARG C 141 42.99 -0.66 12.45
N ASN C 142 42.19 -0.41 11.41
CA ASN C 142 42.02 0.95 10.92
C ASN C 142 41.02 1.68 11.78
N PHE C 143 39.92 1.01 12.09
CA PHE C 143 38.95 1.51 13.05
C PHE C 143 39.62 1.86 14.38
N GLN C 144 40.40 0.92 14.92
CA GLN C 144 41.01 1.12 16.23
C GLN C 144 42.02 2.24 16.22
N ARG C 145 42.57 2.55 15.05
CA ARG C 145 43.58 3.61 14.90
C ARG C 145 43.00 4.95 14.47
N TYR C 146 42.19 4.94 13.41
CA TYR C 146 41.75 6.18 12.74
C TYR C 146 40.23 6.38 12.70
N GLY C 147 39.50 5.28 12.85
CA GLY C 147 38.05 5.36 12.91
C GLY C 147 37.38 5.26 11.56
N VAL C 148 38.14 5.58 10.51
CA VAL C 148 37.73 5.37 9.14
C VAL C 148 37.94 3.89 8.82
N PRO C 149 36.98 3.26 8.12
CA PRO C 149 37.19 1.85 7.74
C PRO C 149 38.35 1.62 6.73
N LEU C 150 38.45 2.46 5.70
CA LEU C 150 39.50 2.31 4.71
C LEU C 150 40.31 3.58 4.64
N LEU C 151 41.63 3.43 4.60
CA LEU C 151 42.50 4.59 4.52
C LEU C 151 42.75 5.03 3.08
N LEU C 152 42.48 4.13 2.14
CA LEU C 152 42.68 4.38 0.74
C LEU C 152 41.49 3.85 -0.06
N SER C 153 40.89 4.72 -0.85
CA SER C 153 39.81 4.33 -1.73
C SER C 153 40.37 3.77 -3.01
N THR C 154 39.59 2.93 -3.68
CA THR C 154 39.95 2.39 -4.97
C THR C 154 38.90 2.82 -5.99
N LEU C 155 39.34 3.64 -6.95
CA LEU C 155 38.46 4.26 -7.95
C LEU C 155 38.75 3.72 -9.36
N THR C 156 37.78 3.88 -10.28
CA THR C 156 37.94 3.37 -11.65
C THR C 156 38.86 4.23 -12.45
N ASN C 157 39.68 3.57 -13.24
CA ASN C 157 40.31 4.24 -14.35
C ASN C 157 40.13 3.39 -15.60
N GLY C 158 39.04 2.62 -15.66
CA GLY C 158 38.83 1.63 -16.69
C GLY C 158 39.05 0.23 -16.17
N LEU C 159 38.04 -0.35 -15.53
CA LEU C 159 38.08 -1.73 -15.05
C LEU C 159 37.65 -2.68 -16.15
N LEU C 160 38.32 -3.80 -16.26
CA LEU C 160 37.89 -4.85 -17.14
C LEU C 160 37.00 -5.84 -16.34
N ILE C 161 35.68 -5.71 -16.50
CA ILE C 161 34.76 -6.45 -15.64
C ILE C 161 34.06 -7.57 -16.40
N GLY C 162 34.31 -8.80 -15.96
CA GLY C 162 33.55 -9.99 -16.41
C GLY C 162 32.41 -10.22 -15.44
N ILE C 163 31.20 -10.03 -15.95
CA ILE C 163 30.01 -10.12 -15.11
C ILE C 163 29.22 -11.28 -15.65
N THR C 164 29.40 -12.45 -15.04
CA THR C 164 28.65 -13.65 -15.46
C THR C 164 28.10 -14.45 -14.27
N GLY C 181 11.87 -30.34 -20.25
CA GLY C 181 12.67 -28.93 -19.99
C GLY C 181 12.62 -28.61 -18.49
N ASP C 182 13.55 -27.75 -18.05
CA ASP C 182 13.58 -27.29 -16.66
C ASP C 182 12.21 -26.72 -16.22
N TYR C 183 11.81 -25.61 -16.85
CA TYR C 183 10.58 -24.89 -16.50
C TYR C 183 9.33 -25.77 -16.55
N LEU C 184 9.35 -26.74 -17.46
CA LEU C 184 8.20 -27.55 -17.76
C LEU C 184 7.76 -28.41 -16.57
N LEU C 185 8.70 -29.15 -15.98
CA LEU C 185 8.33 -30.09 -14.91
C LEU C 185 7.67 -29.36 -13.76
N MET C 186 8.18 -28.18 -13.45
CA MET C 186 7.61 -27.35 -12.40
C MET C 186 6.17 -26.90 -12.69
N GLN C 187 5.94 -26.41 -13.91
CA GLN C 187 4.57 -26.06 -14.37
C GLN C 187 3.50 -27.14 -14.19
N LEU C 188 3.89 -28.40 -14.22
CA LEU C 188 2.90 -29.49 -14.19
C LEU C 188 2.63 -29.98 -12.79
N MET C 189 3.66 -29.83 -11.94
CA MET C 189 3.61 -30.28 -10.54
C MET C 189 2.96 -29.22 -9.69
N ARG C 190 3.38 -27.96 -9.87
CA ARG C 190 2.88 -26.86 -9.06
C ARG C 190 1.99 -25.86 -9.83
N GLN C 191 2.56 -25.15 -10.81
CA GLN C 191 1.90 -24.02 -11.51
C GLN C 191 0.69 -24.32 -12.42
N SER C 192 0.16 -25.54 -12.45
CA SER C 192 -0.96 -25.84 -13.36
C SER C 192 -2.14 -24.90 -13.15
N GLY C 193 -2.58 -24.28 -14.25
CA GLY C 193 -3.73 -23.39 -14.19
C GLY C 193 -3.39 -21.91 -14.10
N MET C 194 -2.13 -21.58 -13.84
CA MET C 194 -1.70 -20.18 -13.77
C MET C 194 -1.73 -19.51 -15.14
N GLY C 195 -1.88 -18.20 -15.16
CA GLY C 195 -1.82 -17.47 -16.42
C GLY C 195 -0.38 -17.43 -16.83
N ILE C 196 -0.10 -16.99 -18.05
CA ILE C 196 1.23 -17.15 -18.62
C ILE C 196 2.21 -16.18 -18.01
N ASN C 197 1.88 -14.89 -18.03
CA ASN C 197 2.79 -13.87 -17.47
C ASN C 197 3.18 -14.19 -16.03
N GLN C 198 2.22 -14.72 -15.26
CA GLN C 198 2.47 -15.05 -13.89
C GLN C 198 3.55 -16.13 -13.79
N VAL C 199 3.48 -17.11 -14.72
CA VAL C 199 4.43 -18.22 -14.78
C VAL C 199 5.82 -17.79 -15.18
N VAL C 200 5.92 -17.01 -16.24
CA VAL C 200 7.23 -16.59 -16.70
C VAL C 200 7.82 -15.46 -15.84
N ASN C 201 6.98 -14.63 -15.25
CA ASN C 201 7.51 -13.66 -14.30
C ASN C 201 8.11 -14.32 -13.04
N GLN C 202 7.57 -15.48 -12.65
CA GLN C 202 8.13 -16.23 -11.54
C GLN C 202 9.48 -16.76 -11.92
N ILE C 203 9.66 -17.06 -13.20
CA ILE C 203 10.93 -17.64 -13.66
C ILE C 203 11.99 -16.57 -13.73
N LEU C 204 11.61 -15.40 -14.24
CA LEU C 204 12.52 -14.27 -14.36
C LEU C 204 12.97 -13.77 -13.02
N ARG C 205 12.07 -13.81 -12.04
CA ARG C 205 12.43 -13.50 -10.67
C ARG C 205 13.36 -14.54 -10.06
N ASP C 206 12.98 -15.81 -10.14
CA ASP C 206 13.86 -16.89 -9.67
C ASP C 206 15.28 -16.72 -10.20
N LYS C 207 15.43 -16.27 -11.45
CA LYS C 207 16.74 -16.11 -12.07
C LYS C 207 17.51 -14.95 -11.43
N SER C 208 16.89 -13.77 -11.40
CA SER C 208 17.56 -12.55 -10.95
C SER C 208 17.77 -12.53 -9.43
N LYS C 209 17.32 -13.60 -8.76
CA LYS C 209 17.70 -13.84 -7.37
C LYS C 209 19.18 -14.23 -7.32
N ILE C 210 19.58 -15.15 -8.20
CA ILE C 210 20.94 -15.70 -8.29
C ILE C 210 22.02 -14.61 -8.40
N ALA C 211 23.05 -14.73 -7.56
CA ALA C 211 24.16 -13.80 -7.57
C ALA C 211 25.05 -14.06 -8.77
N PRO C 212 25.40 -12.99 -9.50
CA PRO C 212 26.38 -13.08 -10.59
C PRO C 212 27.77 -13.24 -10.01
N ILE C 213 28.64 -13.95 -10.72
CA ILE C 213 30.03 -13.98 -10.35
C ILE C 213 30.73 -12.82 -11.06
N VAL C 214 31.27 -11.89 -10.27
CA VAL C 214 31.93 -10.70 -10.82
C VAL C 214 33.45 -10.83 -10.73
N VAL C 215 34.11 -10.69 -11.87
CA VAL C 215 35.55 -10.71 -11.89
C VAL C 215 36.04 -9.37 -12.40
N ILE C 216 37.03 -8.80 -11.71
CA ILE C 216 37.73 -7.64 -12.19
C ILE C 216 39.10 -8.12 -12.67
N ARG C 217 39.27 -8.20 -13.99
CA ARG C 217 40.41 -8.88 -14.60
C ARG C 217 41.69 -8.12 -14.36
N GLU C 218 42.81 -8.84 -14.35
CA GLU C 218 44.11 -8.20 -14.34
C GLU C 218 44.24 -7.33 -15.60
N GLY C 219 44.93 -6.20 -15.47
CA GLY C 219 44.99 -5.22 -16.55
C GLY C 219 44.00 -4.10 -16.33
N SER C 220 43.07 -4.32 -15.40
CA SER C 220 42.14 -3.28 -15.00
C SER C 220 42.91 -2.08 -14.48
N ARG C 221 42.40 -0.90 -14.79
CA ARG C 221 43.05 0.36 -14.50
C ARG C 221 42.30 1.08 -13.37
N VAL C 222 43.04 1.61 -12.42
CA VAL C 222 42.48 2.01 -11.14
C VAL C 222 43.15 3.30 -10.65
N PHE C 223 42.42 4.10 -9.87
CA PHE C 223 43.02 5.18 -9.08
C PHE C 223 43.02 4.78 -7.62
N ILE C 224 44.18 4.79 -6.98
CA ILE C 224 44.22 4.61 -5.54
C ILE C 224 44.25 5.98 -4.86
N SER C 225 43.30 6.23 -3.98
CA SER C 225 43.11 7.56 -3.45
C SER C 225 43.14 7.60 -1.91
N PRO C 226 44.08 8.37 -1.35
CA PRO C 226 44.12 8.50 0.08
C PRO C 226 42.89 9.22 0.59
N ASN C 227 42.32 8.71 1.66
CA ASN C 227 41.21 9.37 2.33
C ASN C 227 41.64 10.39 3.35
N THR C 228 42.96 10.46 3.58
CA THR C 228 43.55 11.50 4.41
C THR C 228 44.89 11.82 3.86
N ASP C 229 45.47 12.92 4.30
CA ASP C 229 46.87 13.19 4.05
C ASP C 229 47.69 12.05 4.62
N ILE C 230 48.69 11.61 3.87
CA ILE C 230 49.59 10.57 4.36
C ILE C 230 51.00 11.12 4.38
N PHE C 231 51.60 11.09 5.57
CA PHE C 231 52.99 11.54 5.75
C PHE C 231 53.95 10.36 5.68
N PHE C 232 54.99 10.51 4.87
CA PHE C 232 55.97 9.45 4.66
C PHE C 232 57.28 9.82 5.34
N PRO C 233 57.56 9.23 6.53
CA PRO C 233 58.85 9.47 7.14
C PRO C 233 60.01 9.01 6.23
N ILE C 234 61.19 9.59 6.45
CA ILE C 234 62.40 9.20 5.72
C ILE C 234 62.68 7.72 6.03
N PRO C 235 62.90 6.91 5.00
CA PRO C 235 63.06 5.48 5.22
C PRO C 235 64.26 5.13 6.06
N ARG C 236 64.06 4.27 7.05
CA ARG C 236 65.16 3.67 7.78
C ARG C 236 65.20 2.15 7.56
N GLU C 237 66.37 1.68 7.13
CA GLU C 237 66.58 0.25 6.83
C GLU C 237 65.45 -0.29 5.95
N ASN C 238 65.27 0.37 4.82
CA ASN C 238 64.27 -0.03 3.82
C ASN C 238 62.84 -0.06 4.30
N GLU C 239 62.52 0.70 5.33
CA GLU C 239 61.17 0.68 5.87
C GLU C 239 60.60 2.08 6.10
N VAL C 240 59.36 2.28 5.66
CA VAL C 240 58.63 3.50 5.96
C VAL C 240 57.29 3.15 6.61
N ILE C 241 57.08 3.60 7.84
CA ILE C 241 55.77 3.42 8.47
C ILE C 241 54.98 4.71 8.26
N ALA C 242 54.01 4.66 7.35
CA ALA C 242 53.29 5.85 6.95
C ALA C 242 52.41 6.38 8.07
N GLU C 243 52.23 7.70 8.12
CA GLU C 243 51.35 8.33 9.08
C GLU C 243 50.14 8.99 8.43
N PHE C 244 48.96 8.71 8.97
CA PHE C 244 47.74 9.26 8.42
C PHE C 244 47.23 10.37 9.31
N LEU C 245 47.48 11.62 8.90
CA LEU C 245 47.08 12.78 9.70
C LEU C 245 45.56 13.02 9.60
N LYS C 246 44.79 12.24 10.35
CA LYS C 246 43.32 12.21 10.23
C LYS C 246 42.60 12.90 11.41
N ASN D 36 29.87 19.89 -27.04
CA ASN D 36 29.69 20.64 -25.76
C ASN D 36 28.62 20.01 -24.85
N LYS D 37 28.36 18.71 -25.02
CA LYS D 37 27.02 18.15 -24.72
C LYS D 37 26.74 17.69 -23.29
N LEU D 38 27.51 16.71 -22.81
CA LEU D 38 27.31 16.16 -21.47
C LEU D 38 27.24 17.26 -20.37
N LEU D 39 27.50 18.51 -20.78
CA LEU D 39 27.48 19.69 -19.91
C LEU D 39 26.08 20.14 -19.53
N ARG D 40 25.10 19.75 -20.35
CA ARG D 40 23.68 19.98 -20.11
C ARG D 40 22.90 18.66 -20.33
N THR D 41 23.42 17.58 -19.76
CA THR D 41 22.86 16.24 -19.94
C THR D 41 22.61 15.59 -18.59
N ILE D 42 21.50 14.87 -18.49
CA ILE D 42 21.26 14.03 -17.33
C ILE D 42 21.57 12.60 -17.71
N THR D 43 22.48 11.97 -16.98
CA THR D 43 22.89 10.60 -17.27
C THR D 43 21.75 9.61 -17.05
N ALA D 44 21.66 8.64 -17.95
CA ALA D 44 20.77 7.50 -17.75
C ALA D 44 20.86 6.98 -16.32
N ASP D 45 19.69 6.64 -15.77
CA ASP D 45 19.56 6.15 -14.40
C ASP D 45 20.04 7.11 -13.30
N LYS D 46 20.02 8.41 -13.56
CA LYS D 46 20.05 9.36 -12.48
C LYS D 46 18.74 9.11 -11.74
N MET D 47 18.75 9.28 -10.42
CA MET D 47 17.54 9.10 -9.64
C MET D 47 17.00 10.46 -9.23
N ILE D 48 15.97 10.91 -9.92
CA ILE D 48 15.35 12.18 -9.60
C ILE D 48 14.27 11.94 -8.55
N PRO D 49 14.57 12.27 -7.29
CA PRO D 49 13.58 12.04 -6.25
C PRO D 49 12.40 13.01 -6.34
N ALA D 50 11.20 12.49 -6.21
CA ALA D 50 10.02 13.33 -6.25
C ALA D 50 8.95 12.73 -5.36
N PHE D 51 7.98 13.55 -4.96
CA PHE D 51 6.80 13.08 -4.26
C PHE D 51 5.55 13.44 -5.04
N LEU D 52 4.51 12.61 -4.94
CA LEU D 52 3.29 12.83 -5.70
C LEU D 52 2.38 13.82 -5.03
N ILE D 53 1.92 14.80 -5.80
CA ILE D 53 0.94 15.77 -5.33
C ILE D 53 -0.48 15.25 -5.59
N THR D 54 -0.61 14.40 -6.60
CA THR D 54 -1.87 13.87 -7.04
C THR D 54 -1.82 12.38 -6.85
N PRO D 55 -2.93 11.75 -6.40
CA PRO D 55 -2.94 10.29 -6.29
C PRO D 55 -3.05 9.58 -7.64
N ILE D 56 -2.72 8.29 -7.64
CA ILE D 56 -2.92 7.42 -8.79
C ILE D 56 -3.90 6.32 -8.38
N SER D 57 -5.14 6.37 -8.88
CA SER D 57 -6.13 5.26 -8.67
C SER D 57 -6.07 4.17 -9.77
N SER D 58 -6.31 2.91 -9.39
CA SER D 58 -6.19 1.78 -10.35
C SER D 58 -7.42 1.53 -11.29
N GLN D 59 -8.54 2.18 -11.02
CA GLN D 59 -9.62 2.15 -12.00
C GLN D 59 -9.35 3.25 -13.02
N ILE D 60 -9.70 4.48 -12.63
CA ILE D 60 -9.38 5.71 -13.39
C ILE D 60 -7.98 5.64 -14.00
N ALA D 61 -7.89 5.84 -15.32
CA ALA D 61 -6.64 6.24 -15.96
C ALA D 61 -6.66 7.77 -16.05
N GLY D 62 -5.60 8.45 -15.63
CA GLY D 62 -5.63 9.91 -15.58
C GLY D 62 -4.29 10.64 -15.55
N LYS D 63 -4.27 11.78 -14.86
CA LYS D 63 -3.08 12.65 -14.78
C LYS D 63 -2.47 12.61 -13.39
N VAL D 64 -1.14 12.71 -13.35
CA VAL D 64 -0.42 12.77 -12.07
C VAL D 64 0.58 13.91 -12.06
N ILE D 65 0.71 14.57 -10.91
CA ILE D 65 1.68 15.63 -10.74
C ILE D 65 2.63 15.27 -9.61
N ALA D 66 3.92 15.33 -9.91
CA ALA D 66 4.95 15.09 -8.91
C ALA D 66 5.78 16.35 -8.73
N GLN D 67 6.49 16.44 -7.61
CA GLN D 67 7.36 17.56 -7.35
C GLN D 67 8.77 17.11 -7.00
N VAL D 68 9.74 17.61 -7.74
CA VAL D 68 11.14 17.23 -7.57
C VAL D 68 11.68 17.75 -6.23
N GLU D 69 12.43 16.91 -5.53
CA GLU D 69 12.83 17.17 -4.14
C GLU D 69 14.17 17.85 -3.95
N SER D 70 14.97 17.89 -5.02
CA SER D 70 16.30 18.51 -4.95
C SER D 70 16.82 18.84 -6.33
N ASP D 71 17.77 19.78 -6.39
CA ASP D 71 18.37 20.18 -7.65
C ASP D 71 18.97 18.99 -8.40
N ILE D 72 18.73 18.92 -9.70
CA ILE D 72 19.34 17.89 -10.53
C ILE D 72 20.40 18.50 -11.42
N PHE D 73 21.65 18.14 -11.16
CA PHE D 73 22.79 18.71 -11.87
C PHE D 73 23.12 17.95 -13.14
N ALA D 74 23.63 18.66 -14.15
CA ALA D 74 24.11 18.01 -15.36
C ALA D 74 25.36 17.20 -15.06
N HIS D 75 25.51 16.07 -15.76
CA HIS D 75 26.58 15.11 -15.50
C HIS D 75 27.96 15.73 -15.32
N MET D 76 28.20 16.83 -16.04
CA MET D 76 29.46 17.56 -16.00
C MET D 76 29.16 19.05 -15.85
N GLY D 77 29.99 19.76 -15.10
CA GLY D 77 29.76 21.17 -14.80
C GLY D 77 28.77 21.40 -13.65
N LYS D 78 28.24 22.61 -13.56
CA LYS D 78 27.46 23.01 -12.39
C LYS D 78 26.05 23.51 -12.74
N ALA D 79 25.61 23.22 -13.96
CA ALA D 79 24.28 23.60 -14.41
C ALA D 79 23.21 22.82 -13.65
N VAL D 80 22.24 23.54 -13.06
CA VAL D 80 21.05 22.90 -12.50
C VAL D 80 20.02 22.76 -13.62
N LEU D 81 19.87 21.54 -14.14
CA LEU D 81 18.95 21.26 -15.24
C LEU D 81 17.49 21.11 -14.78
N ILE D 82 17.27 20.38 -13.69
CA ILE D 82 15.96 20.36 -13.04
C ILE D 82 16.07 20.92 -11.63
N PRO D 83 15.58 22.13 -11.41
CA PRO D 83 15.62 22.79 -10.11
C PRO D 83 14.71 22.12 -9.11
N LYS D 84 15.17 22.07 -7.86
CA LYS D 84 14.33 21.67 -6.73
C LYS D 84 12.97 22.39 -6.80
N GLY D 85 11.89 21.66 -6.59
CA GLY D 85 10.57 22.24 -6.54
C GLY D 85 9.82 22.28 -7.86
N SER D 86 10.48 21.84 -8.93
CA SER D 86 9.82 21.71 -10.23
C SER D 86 8.67 20.71 -10.16
N LYS D 87 7.61 20.99 -10.90
CA LYS D 87 6.49 20.08 -11.03
C LYS D 87 6.78 19.20 -12.23
N VAL D 88 6.55 17.90 -12.08
CA VAL D 88 6.59 16.99 -13.21
C VAL D 88 5.16 16.55 -13.50
N ILE D 89 4.74 16.71 -14.75
CA ILE D 89 3.40 16.33 -15.16
C ILE D 89 3.43 15.05 -15.97
N GLY D 90 2.64 14.06 -15.52
CA GLY D 90 2.56 12.77 -16.17
C GLY D 90 1.14 12.31 -16.43
N TYR D 91 1.03 11.28 -17.27
CA TYR D 91 -0.24 10.65 -17.57
C TYR D 91 -0.11 9.15 -17.36
N TYR D 92 -1.09 8.59 -16.67
CA TYR D 92 -1.02 7.19 -16.26
C TYR D 92 -2.22 6.36 -16.69
N SER D 93 -1.98 5.08 -16.91
CA SER D 93 -3.07 4.14 -17.12
C SER D 93 -2.79 2.82 -16.41
N ASN D 94 -3.86 2.16 -15.98
CA ASN D 94 -3.76 0.82 -15.44
C ASN D 94 -4.26 -0.24 -16.37
N ASN D 95 -3.86 -1.47 -16.07
CA ASN D 95 -4.63 -2.58 -16.50
C ASN D 95 -4.86 -3.58 -15.39
N ASN D 96 -5.84 -4.45 -15.60
CA ASN D 96 -6.21 -5.47 -14.67
C ASN D 96 -6.77 -6.58 -15.54
N LYS D 97 -5.95 -7.64 -15.71
CA LYS D 97 -6.10 -8.62 -16.80
C LYS D 97 -5.06 -9.77 -16.71
N MET D 98 -4.94 -10.57 -17.79
CA MET D 98 -4.27 -11.92 -17.78
C MET D 98 -2.74 -11.89 -17.53
N GLY D 99 -2.24 -10.68 -17.27
CA GLY D 99 -1.03 -10.48 -16.47
C GLY D 99 -1.43 -10.05 -15.06
N GLU D 100 -0.56 -9.29 -14.42
CA GLU D 100 -0.83 -8.92 -13.05
C GLU D 100 -1.49 -7.55 -13.04
N TYR D 101 -1.10 -6.71 -12.08
CA TYR D 101 -1.44 -5.29 -12.10
C TYR D 101 -0.34 -4.60 -12.92
N ARG D 102 -0.77 -3.73 -13.83
CA ARG D 102 0.18 -2.97 -14.66
C ARG D 102 -0.13 -1.45 -14.70
N LEU D 103 0.86 -0.66 -14.28
CA LEU D 103 0.77 0.80 -14.28
C LEU D 103 1.83 1.36 -15.19
N ASP D 104 1.42 2.22 -16.11
CA ASP D 104 2.38 2.93 -16.94
C ASP D 104 2.23 4.40 -16.68
N ILE D 105 3.36 5.07 -16.41
CA ILE D 105 3.36 6.51 -16.28
C ILE D 105 4.27 7.13 -17.33
N VAL D 106 3.71 7.97 -18.19
CA VAL D 106 4.51 8.72 -19.15
C VAL D 106 4.68 10.11 -18.59
N TRP D 107 5.89 10.43 -18.17
CA TRP D 107 6.19 11.78 -17.74
C TRP D 107 6.42 12.66 -18.96
N SER D 108 5.54 13.64 -19.15
CA SER D 108 5.46 14.36 -20.41
C SER D 108 6.15 15.70 -20.37
N ARG D 109 5.97 16.46 -19.28
CA ARG D 109 6.74 17.70 -19.13
C ARG D 109 7.06 18.08 -17.70
N ILE D 110 8.12 18.87 -17.57
CA ILE D 110 8.57 19.41 -16.30
C ILE D 110 8.42 20.91 -16.36
N ILE D 111 7.83 21.49 -15.31
CA ILE D 111 7.73 22.96 -15.19
C ILE D 111 8.54 23.48 -14.02
N THR D 112 9.62 24.21 -14.31
CA THR D 112 10.50 24.73 -13.24
C THR D 112 9.76 25.80 -12.44
N PRO D 113 10.23 26.06 -11.20
CA PRO D 113 9.58 27.06 -10.36
C PRO D 113 9.53 28.44 -11.04
N HIS D 114 10.52 28.76 -11.86
CA HIS D 114 10.52 30.02 -12.59
C HIS D 114 9.58 29.99 -13.79
N GLY D 115 9.13 28.79 -14.18
CA GLY D 115 8.12 28.66 -15.22
C GLY D 115 8.63 28.35 -16.62
N ILE D 116 9.84 27.79 -16.72
CA ILE D 116 10.32 27.28 -18.01
C ILE D 116 9.79 25.86 -18.20
N ASN D 117 9.22 25.61 -19.37
CA ASN D 117 8.65 24.30 -19.69
C ASN D 117 9.64 23.40 -20.39
N ILE D 118 9.87 22.24 -19.80
CA ILE D 118 10.72 21.22 -20.40
C ILE D 118 9.84 20.10 -20.97
N MET D 119 9.80 19.99 -22.30
CA MET D 119 9.06 18.91 -22.95
C MET D 119 9.81 17.58 -22.94
N LEU D 120 9.10 16.51 -22.60
CA LEU D 120 9.66 15.18 -22.68
C LEU D 120 8.87 14.39 -23.72
N THR D 121 7.55 14.54 -23.71
CA THR D 121 6.68 13.93 -24.72
C THR D 121 5.44 14.83 -24.90
N ASN D 122 5.12 15.18 -26.14
CA ASN D 122 4.04 16.14 -26.45
C ASN D 122 2.60 15.72 -26.17
N GLY D 130 -9.82 8.14 -24.13
CA GLY D 130 -9.78 9.39 -23.38
C GLY D 130 -8.39 9.76 -22.90
N TYR D 131 -8.05 9.32 -21.70
CA TYR D 131 -6.72 9.54 -21.09
C TYR D 131 -5.76 8.37 -21.36
N ASN D 132 -6.30 7.14 -21.28
CA ASN D 132 -5.48 5.92 -21.45
C ASN D 132 -5.36 5.51 -22.91
N GLY D 133 -6.22 6.12 -23.74
CA GLY D 133 -6.00 6.21 -25.17
C GLY D 133 -4.75 7.03 -25.43
N LEU D 134 -4.54 8.06 -24.62
CA LEU D 134 -3.41 8.99 -24.82
C LEU D 134 -2.05 8.40 -24.43
N VAL D 135 -1.99 7.74 -23.28
CA VAL D 135 -0.74 7.15 -22.79
C VAL D 135 -0.12 6.23 -23.85
N GLY D 136 -0.92 5.26 -24.33
CA GLY D 136 -0.49 4.28 -25.31
C GLY D 136 0.01 4.90 -26.62
N GLU D 137 -0.52 6.08 -26.95
CA GLU D 137 -0.09 6.85 -28.12
C GLU D 137 1.28 7.51 -27.89
N LEU D 138 1.49 8.04 -26.68
CA LEU D 138 2.79 8.57 -26.29
C LEU D 138 3.77 7.43 -26.17
N ILE D 139 3.33 6.36 -25.54
CA ILE D 139 4.13 5.15 -25.44
C ILE D 139 4.59 4.72 -26.84
N GLU D 140 3.64 4.67 -27.78
CA GLU D 140 3.96 4.33 -29.16
C GLU D 140 4.95 5.34 -29.73
N ARG D 141 4.62 6.62 -29.60
CA ARG D 141 5.45 7.66 -30.15
C ARG D 141 6.90 7.40 -29.81
N ASN D 142 7.17 7.18 -28.53
CA ASN D 142 8.53 6.99 -28.05
C ASN D 142 9.24 5.82 -28.75
N PHE D 143 8.48 4.75 -28.98
CA PHE D 143 8.99 3.52 -29.63
C PHE D 143 9.32 3.80 -31.09
N GLN D 144 8.64 4.80 -31.65
CA GLN D 144 8.91 5.27 -33.00
C GLN D 144 10.28 5.96 -33.05
N ARG D 145 10.43 7.04 -32.28
CA ARG D 145 11.63 7.87 -32.33
C ARG D 145 12.82 7.20 -31.65
N TYR D 146 12.62 6.73 -30.42
CA TYR D 146 13.75 6.35 -29.58
C TYR D 146 13.79 4.86 -29.29
N GLY D 147 12.83 4.11 -29.84
CA GLY D 147 12.81 2.64 -29.76
C GLY D 147 12.38 2.02 -28.43
N VAL D 148 11.85 2.84 -27.54
CA VAL D 148 11.58 2.44 -26.16
C VAL D 148 10.16 2.87 -25.81
N PRO D 149 9.39 2.03 -25.08
CA PRO D 149 8.03 2.44 -24.72
C PRO D 149 7.99 3.62 -23.75
N LEU D 150 8.86 3.61 -22.74
CA LEU D 150 8.88 4.68 -21.76
C LEU D 150 10.26 5.29 -21.70
N LEU D 151 10.32 6.61 -21.72
CA LEU D 151 11.60 7.31 -21.68
C LEU D 151 12.09 7.53 -20.25
N LEU D 152 11.17 7.45 -19.29
CA LEU D 152 11.48 7.67 -17.89
C LEU D 152 10.77 6.61 -17.06
N SER D 153 11.55 5.89 -16.26
CA SER D 153 11.00 4.90 -15.34
C SER D 153 10.54 5.57 -14.04
N THR D 154 9.61 4.94 -13.34
CA THR D 154 9.14 5.43 -12.06
C THR D 154 9.37 4.37 -11.00
N LEU D 155 10.31 4.67 -10.10
CA LEU D 155 10.76 3.71 -9.07
C LEU D 155 10.28 4.13 -7.68
N THR D 156 10.24 3.19 -6.75
CA THR D 156 9.80 3.46 -5.37
C THR D 156 10.81 4.25 -4.59
N ASN D 157 10.30 5.19 -3.81
CA ASN D 157 11.08 5.75 -2.74
C ASN D 157 10.24 5.76 -1.48
N GLY D 158 9.30 4.83 -1.43
CA GLY D 158 8.30 4.80 -0.37
C GLY D 158 6.91 5.20 -0.87
N LEU D 159 6.21 4.24 -1.47
CA LEU D 159 4.85 4.47 -1.94
C LEU D 159 3.86 4.21 -0.83
N LEU D 160 2.87 5.09 -0.72
CA LEU D 160 1.76 4.87 0.18
C LEU D 160 0.65 4.16 -0.60
N ILE D 161 0.56 2.85 -0.41
CA ILE D 161 -0.33 2.02 -1.23
C ILE D 161 -1.56 1.51 -0.48
N GLY D 162 -2.73 1.95 -0.90
CA GLY D 162 -4.00 1.43 -0.39
C GLY D 162 -4.67 0.42 -1.32
N ILE D 163 -5.33 -0.58 -0.74
CA ILE D 163 -6.01 -1.61 -1.55
C ILE D 163 -7.48 -1.93 -1.11
N THR D 164 -8.28 -2.51 -2.00
CA THR D 164 -9.66 -2.95 -1.69
C THR D 164 -10.13 -3.97 -2.72
N PHE D 180 -25.10 -14.62 1.26
CA PHE D 180 -25.29 -15.96 0.70
C PHE D 180 -25.93 -15.93 -0.70
N GLY D 181 -27.08 -15.25 -0.78
CA GLY D 181 -27.96 -15.24 -1.94
C GLY D 181 -27.32 -15.19 -3.31
N ASP D 182 -26.35 -14.27 -3.48
CA ASP D 182 -25.70 -14.07 -4.80
C ASP D 182 -25.15 -15.39 -5.35
N TYR D 183 -24.30 -16.04 -4.55
CA TYR D 183 -23.85 -17.39 -4.85
C TYR D 183 -24.99 -18.36 -5.20
N LEU D 184 -26.05 -18.32 -4.39
CA LEU D 184 -27.08 -19.33 -4.41
C LEU D 184 -27.79 -19.47 -5.76
N LEU D 185 -28.18 -18.34 -6.35
CA LEU D 185 -28.87 -18.35 -7.64
C LEU D 185 -27.97 -18.97 -8.70
N MET D 186 -26.70 -18.59 -8.67
CA MET D 186 -25.72 -19.14 -9.56
C MET D 186 -25.55 -20.66 -9.38
N GLN D 187 -25.66 -21.14 -8.15
CA GLN D 187 -25.53 -22.56 -7.89
C GLN D 187 -26.68 -23.32 -8.48
N LEU D 188 -27.90 -22.84 -8.20
CA LEU D 188 -29.12 -23.51 -8.64
C LEU D 188 -29.16 -23.55 -10.14
N MET D 189 -28.61 -22.52 -10.78
CA MET D 189 -28.67 -22.37 -12.22
C MET D 189 -27.53 -23.02 -12.97
N ARG D 190 -26.32 -22.96 -12.42
CA ARG D 190 -25.17 -23.44 -13.16
C ARG D 190 -24.59 -24.74 -12.60
N GLN D 191 -24.92 -25.08 -11.36
CA GLN D 191 -24.13 -26.09 -10.68
C GLN D 191 -24.83 -27.25 -9.99
N SER D 192 -26.13 -27.44 -10.20
CA SER D 192 -26.74 -28.62 -9.58
C SER D 192 -25.94 -29.87 -9.93
N GLY D 193 -25.85 -30.80 -8.98
CA GLY D 193 -25.08 -32.03 -9.17
C GLY D 193 -23.60 -31.89 -8.85
N MET D 194 -23.10 -30.67 -8.76
CA MET D 194 -21.70 -30.48 -8.45
C MET D 194 -21.40 -30.77 -7.00
N GLY D 195 -20.17 -31.20 -6.75
CA GLY D 195 -19.73 -31.46 -5.41
C GLY D 195 -19.49 -30.15 -4.69
N ILE D 196 -19.56 -30.18 -3.38
CA ILE D 196 -19.27 -29.01 -2.58
C ILE D 196 -17.89 -28.45 -2.93
N ASN D 197 -16.86 -29.30 -2.84
CA ASN D 197 -15.49 -28.86 -3.12
C ASN D 197 -15.35 -28.19 -4.45
N GLN D 198 -15.91 -28.83 -5.47
CA GLN D 198 -15.85 -28.31 -6.82
C GLN D 198 -16.54 -26.95 -6.91
N VAL D 199 -17.62 -26.77 -6.14
CA VAL D 199 -18.41 -25.55 -6.16
C VAL D 199 -17.69 -24.41 -5.47
N VAL D 200 -17.38 -24.59 -4.18
CA VAL D 200 -16.78 -23.51 -3.40
C VAL D 200 -15.43 -23.07 -3.99
N ASN D 201 -14.62 -24.03 -4.44
CA ASN D 201 -13.39 -23.70 -5.16
C ASN D 201 -13.68 -22.82 -6.35
N GLN D 202 -14.63 -23.27 -7.17
CA GLN D 202 -15.07 -22.54 -8.33
C GLN D 202 -15.53 -21.11 -8.00
N ILE D 203 -16.14 -20.92 -6.83
CA ILE D 203 -16.50 -19.57 -6.37
C ILE D 203 -15.24 -18.75 -6.00
N LEU D 204 -14.33 -19.35 -5.24
CA LEU D 204 -13.11 -18.66 -4.81
C LEU D 204 -12.25 -18.26 -6.00
N ARG D 205 -12.42 -18.96 -7.12
CA ARG D 205 -11.62 -18.70 -8.31
C ARG D 205 -12.20 -17.50 -9.07
N ASP D 206 -13.52 -17.50 -9.27
CA ASP D 206 -14.23 -16.34 -9.74
C ASP D 206 -13.79 -15.15 -8.92
N LYS D 207 -13.99 -15.24 -7.60
CA LYS D 207 -13.72 -14.12 -6.70
C LYS D 207 -12.27 -13.62 -6.81
N SER D 208 -11.30 -14.52 -6.84
CA SER D 208 -9.90 -14.13 -7.03
C SER D 208 -9.56 -13.70 -8.49
N LYS D 209 -10.59 -13.40 -9.27
CA LYS D 209 -10.37 -12.87 -10.63
C LYS D 209 -10.82 -11.42 -10.76
N ILE D 210 -11.96 -11.05 -10.17
CA ILE D 210 -12.34 -9.63 -10.07
C ILE D 210 -11.24 -8.83 -9.34
N ALA D 211 -10.34 -8.22 -10.12
CA ALA D 211 -9.09 -7.65 -9.58
C ALA D 211 -9.29 -6.41 -8.65
N PRO D 212 -8.36 -6.22 -7.68
CA PRO D 212 -8.53 -5.22 -6.60
C PRO D 212 -8.44 -3.77 -7.06
N ILE D 213 -8.88 -2.83 -6.22
CA ILE D 213 -8.59 -1.43 -6.48
C ILE D 213 -7.31 -1.03 -5.72
N VAL D 214 -6.27 -0.67 -6.49
CA VAL D 214 -5.02 -0.20 -5.94
C VAL D 214 -4.89 1.32 -6.07
N VAL D 215 -4.67 1.99 -4.96
CA VAL D 215 -4.42 3.41 -4.98
C VAL D 215 -3.01 3.69 -4.46
N ILE D 216 -2.28 4.52 -5.19
CA ILE D 216 -1.02 5.07 -4.72
C ILE D 216 -1.28 6.50 -4.30
N ARG D 217 -1.34 6.72 -2.99
CA ARG D 217 -1.79 7.99 -2.39
C ARG D 217 -0.83 9.13 -2.71
N GLU D 218 -1.37 10.33 -2.74
CA GLU D 218 -0.52 11.52 -2.79
C GLU D 218 0.39 11.54 -1.57
N GLY D 219 1.60 12.05 -1.76
CA GLY D 219 2.59 12.01 -0.70
C GLY D 219 3.50 10.82 -0.85
N SER D 220 3.15 9.91 -1.74
CA SER D 220 4.00 8.80 -2.08
C SER D 220 5.29 9.35 -2.64
N ARG D 221 6.39 8.68 -2.30
CA ARG D 221 7.73 9.11 -2.67
C ARG D 221 8.27 8.22 -3.76
N VAL D 222 8.92 8.83 -4.74
CA VAL D 222 9.25 8.17 -6.01
C VAL D 222 10.64 8.58 -6.53
N PHE D 223 11.28 7.69 -7.29
CA PHE D 223 12.42 8.10 -8.12
C PHE D 223 12.03 8.11 -9.57
N ILE D 224 12.19 9.25 -10.23
CA ILE D 224 12.02 9.31 -11.69
C ILE D 224 13.37 9.13 -12.34
N SER D 225 13.49 8.09 -13.18
CA SER D 225 14.76 7.69 -13.75
C SER D 225 14.76 7.64 -15.27
N PRO D 226 15.65 8.42 -15.90
CA PRO D 226 15.75 8.41 -17.34
C PRO D 226 16.27 7.06 -17.83
N ASN D 227 15.65 6.53 -18.87
CA ASN D 227 16.14 5.31 -19.48
C ASN D 227 17.21 5.58 -20.53
N THR D 228 17.45 6.86 -20.82
CA THR D 228 18.57 7.27 -21.67
C THR D 228 19.09 8.57 -21.16
N ASP D 229 20.28 8.93 -21.64
CA ASP D 229 20.77 10.27 -21.45
C ASP D 229 19.79 11.24 -22.06
N ILE D 230 19.48 12.29 -21.31
CA ILE D 230 18.60 13.35 -21.80
C ILE D 230 19.36 14.66 -21.89
N PHE D 231 19.47 15.20 -23.09
CA PHE D 231 20.10 16.50 -23.32
C PHE D 231 19.09 17.64 -23.27
N PHE D 232 19.42 18.67 -22.49
CA PHE D 232 18.56 19.81 -22.29
C PHE D 232 19.13 21.01 -23.02
N PRO D 233 18.58 21.34 -24.21
CA PRO D 233 19.02 22.59 -24.85
C PRO D 233 18.77 23.82 -23.98
N ILE D 234 19.54 24.88 -24.22
CA ILE D 234 19.35 26.17 -23.55
C ILE D 234 17.93 26.68 -23.86
N PRO D 235 17.16 27.06 -22.80
CA PRO D 235 15.76 27.48 -23.00
C PRO D 235 15.61 28.72 -23.88
N ARG D 236 14.71 28.64 -24.87
CA ARG D 236 14.32 29.78 -25.67
C ARG D 236 12.83 30.10 -25.43
N GLU D 237 12.56 31.34 -25.02
CA GLU D 237 11.20 31.78 -24.68
C GLU D 237 10.48 30.81 -23.76
N ASN D 238 11.13 30.49 -22.63
CA ASN D 238 10.59 29.60 -21.59
C ASN D 238 10.31 28.16 -22.02
N GLU D 239 11.00 27.70 -23.05
CA GLU D 239 10.75 26.36 -23.58
C GLU D 239 12.04 25.57 -23.81
N VAL D 240 12.03 24.33 -23.35
CA VAL D 240 13.11 23.39 -23.65
C VAL D 240 12.52 22.13 -24.24
N ILE D 241 12.92 21.79 -25.46
CA ILE D 241 12.54 20.50 -26.06
C ILE D 241 13.68 19.50 -25.84
N ALA D 242 13.50 18.60 -24.89
CA ALA D 242 14.56 17.69 -24.47
C ALA D 242 14.90 16.70 -25.57
N GLU D 243 16.16 16.27 -25.61
CA GLU D 243 16.62 15.30 -26.58
C GLU D 243 17.10 14.04 -25.90
N PHE D 244 16.64 12.91 -26.39
CA PHE D 244 16.99 11.63 -25.80
C PHE D 244 18.01 10.93 -26.70
N LEU D 245 19.29 10.99 -26.31
CA LEU D 245 20.36 10.35 -27.09
C LEU D 245 20.32 8.83 -26.91
N LYS D 246 19.43 8.17 -27.65
CA LYS D 246 19.18 6.71 -27.50
C LYS D 246 19.74 5.90 -28.66
N ASN E 36 42.73 18.32 12.79
CA ASN E 36 42.18 18.54 14.22
C ASN E 36 40.67 18.23 14.32
N LYS E 37 40.01 18.79 15.34
CA LYS E 37 38.70 18.32 15.79
C LYS E 37 37.65 18.21 14.70
N LEU E 38 37.67 19.18 13.78
CA LEU E 38 36.59 19.34 12.79
C LEU E 38 36.57 18.22 11.75
N LEU E 39 37.58 17.35 11.79
CA LEU E 39 37.64 16.21 10.89
C LEU E 39 36.78 15.05 11.37
N ARG E 40 36.26 15.16 12.60
CA ARG E 40 35.35 14.15 13.16
C ARG E 40 34.20 14.79 13.94
N THR E 41 33.62 15.83 13.37
CA THR E 41 32.55 16.58 13.99
C THR E 41 31.35 16.70 13.05
N ILE E 42 30.15 16.60 13.61
CA ILE E 42 28.95 16.91 12.87
C ILE E 42 28.48 18.28 13.29
N THR E 43 28.29 19.17 12.32
CA THR E 43 27.90 20.54 12.60
C THR E 43 26.48 20.62 13.14
N ALA E 44 26.27 21.52 14.10
CA ALA E 44 24.94 21.83 14.58
C ALA E 44 23.99 22.01 13.39
N ASP E 45 22.78 21.48 13.55
CA ASP E 45 21.75 21.55 12.52
C ASP E 45 22.11 20.91 11.17
N LYS E 46 23.02 19.94 11.19
CA LYS E 46 23.08 18.98 10.10
C LYS E 46 21.73 18.28 10.14
N MET E 47 21.21 17.92 8.96
CA MET E 47 19.94 17.22 8.89
C MET E 47 20.22 15.76 8.58
N ILE E 48 20.14 14.92 9.59
CA ILE E 48 20.35 13.48 9.40
C ILE E 48 19.02 12.83 9.06
N PRO E 49 18.81 12.50 7.76
CA PRO E 49 17.52 11.93 7.35
C PRO E 49 17.38 10.49 7.80
N ALA E 50 16.24 10.17 8.39
CA ALA E 50 16.00 8.81 8.85
C ALA E 50 14.51 8.50 8.74
N PHE E 51 14.19 7.21 8.68
CA PHE E 51 12.81 6.76 8.73
C PHE E 51 12.60 5.88 9.96
N LEU E 52 11.38 5.88 10.49
CA LEU E 52 11.06 5.14 11.69
C LEU E 52 10.75 3.68 11.38
N ILE E 53 11.39 2.77 12.10
CA ILE E 53 11.11 1.34 11.99
C ILE E 53 9.98 0.96 12.97
N THR E 54 9.90 1.72 14.04
CA THR E 54 8.96 1.50 15.14
C THR E 54 8.00 2.69 15.18
N PRO E 55 6.71 2.45 15.44
CA PRO E 55 5.78 3.56 15.57
C PRO E 55 5.91 4.27 16.91
N ILE E 56 5.37 5.48 16.98
CA ILE E 56 5.26 6.26 18.21
C ILE E 56 3.77 6.49 18.51
N SER E 57 3.24 5.82 19.53
CA SER E 57 1.85 6.06 20.00
C SER E 57 1.78 7.15 21.08
N SER E 58 0.67 7.88 21.14
CA SER E 58 0.56 9.02 22.09
C SER E 58 0.10 8.67 23.52
N GLN E 59 -0.43 7.46 23.70
CA GLN E 59 -0.71 6.99 25.07
C GLN E 59 0.61 6.46 25.64
N ILE E 60 0.96 5.23 25.25
CA ILE E 60 2.24 4.59 25.57
C ILE E 60 3.43 5.57 25.44
N ALA E 61 4.23 5.67 26.50
CA ALA E 61 5.58 6.22 26.39
C ALA E 61 6.52 5.02 26.23
N GLY E 62 7.40 5.04 25.23
CA GLY E 62 8.21 3.86 24.95
C GLY E 62 9.50 4.09 24.18
N LYS E 63 9.88 3.09 23.38
CA LYS E 63 11.13 3.09 22.61
C LYS E 63 10.86 3.22 21.11
N VAL E 64 11.76 3.92 20.41
CA VAL E 64 11.66 4.11 18.97
C VAL E 64 12.98 3.79 18.28
N ILE E 65 12.90 3.15 17.13
CA ILE E 65 14.08 2.87 16.34
C ILE E 65 13.96 3.51 14.98
N ALA E 66 14.96 4.30 14.60
CA ALA E 66 15.01 4.91 13.28
C ALA E 66 16.21 4.39 12.50
N GLN E 67 16.17 4.55 11.18
CA GLN E 67 17.28 4.15 10.33
C GLN E 67 17.76 5.29 9.45
N VAL E 68 19.06 5.59 9.55
CA VAL E 68 19.68 6.67 8.80
C VAL E 68 19.69 6.35 7.31
N GLU E 69 19.30 7.33 6.49
CA GLU E 69 19.07 7.11 5.05
C GLU E 69 20.26 7.36 4.13
N SER E 70 21.30 8.00 4.65
CA SER E 70 22.50 8.27 3.87
C SER E 70 23.70 8.56 4.76
N ASP E 71 24.89 8.40 4.20
CA ASP E 71 26.13 8.62 4.92
C ASP E 71 26.15 10.05 5.46
N ILE E 72 26.59 10.21 6.71
CA ILE E 72 26.75 11.53 7.30
C ILE E 72 28.23 11.83 7.46
N PHE E 73 28.72 12.79 6.69
CA PHE E 73 30.15 13.14 6.68
C PHE E 73 30.52 14.16 7.76
N ALA E 74 31.75 14.09 8.24
CA ALA E 74 32.24 15.10 9.18
C ALA E 74 32.40 16.43 8.45
N HIS E 75 32.13 17.52 9.17
CA HIS E 75 32.14 18.87 8.59
C HIS E 75 33.33 19.15 7.66
N MET E 76 34.48 18.57 8.00
CA MET E 76 35.70 18.74 7.24
C MET E 76 36.30 17.35 7.02
N GLY E 77 36.92 17.15 5.85
CA GLY E 77 37.49 15.85 5.54
C GLY E 77 36.45 14.92 4.94
N LYS E 78 36.77 13.62 4.93
CA LYS E 78 35.98 12.62 4.20
C LYS E 78 35.52 11.46 5.09
N ALA E 79 35.69 11.62 6.39
CA ALA E 79 35.24 10.61 7.35
C ALA E 79 33.71 10.46 7.30
N VAL E 80 33.23 9.23 7.16
CA VAL E 80 31.80 8.97 7.35
C VAL E 80 31.54 8.65 8.83
N LEU E 81 30.96 9.61 9.54
CA LEU E 81 30.77 9.46 10.98
C LEU E 81 29.54 8.63 11.32
N ILE E 82 28.43 8.89 10.62
CA ILE E 82 27.25 8.03 10.68
C ILE E 82 26.92 7.42 9.33
N PRO E 83 27.25 6.12 9.16
CA PRO E 83 27.06 5.39 7.91
C PRO E 83 25.61 5.18 7.60
N LYS E 84 25.27 5.31 6.32
CA LYS E 84 23.97 4.92 5.81
C LYS E 84 23.57 3.56 6.36
N GLY E 85 22.34 3.46 6.85
CA GLY E 85 21.80 2.20 7.35
C GLY E 85 21.96 1.99 8.84
N SER E 86 22.61 2.93 9.53
CA SER E 86 22.75 2.87 10.98
C SER E 86 21.38 2.95 11.65
N LYS E 87 21.21 2.20 12.73
CA LYS E 87 20.01 2.29 13.53
C LYS E 87 20.22 3.38 14.57
N VAL E 88 19.21 4.20 14.80
CA VAL E 88 19.24 5.15 15.91
C VAL E 88 18.18 4.70 16.91
N ILE E 89 18.60 4.56 18.16
CA ILE E 89 17.69 4.13 19.21
C ILE E 89 17.34 5.31 20.09
N GLY E 90 16.04 5.56 20.25
CA GLY E 90 15.55 6.64 21.08
C GLY E 90 14.48 6.22 22.05
N TYR E 91 14.19 7.09 23.00
CA TYR E 91 13.12 6.88 23.96
C TYR E 91 12.22 8.09 23.99
N TYR E 92 10.91 7.85 23.98
CA TYR E 92 9.94 8.91 23.78
C TYR E 92 8.89 8.89 24.86
N SER E 93 8.35 10.07 25.17
CA SER E 93 7.18 10.17 26.03
C SER E 93 6.26 11.27 25.53
N ASN E 94 4.96 11.09 25.76
CA ASN E 94 4.01 12.15 25.51
C ASN E 94 3.69 12.87 26.82
N ASN E 95 3.90 14.19 26.83
CA ASN E 95 3.28 15.06 27.81
C ASN E 95 2.00 15.58 27.18
N ASN E 96 1.27 16.40 27.93
CA ASN E 96 0.30 17.33 27.32
C ASN E 96 -0.63 18.04 28.32
N LYS E 97 -0.95 19.31 28.01
CA LYS E 97 -1.88 20.11 28.81
C LYS E 97 -3.32 20.04 28.24
N MET E 98 -3.79 18.80 28.04
CA MET E 98 -5.19 18.48 27.68
C MET E 98 -5.59 18.93 26.27
N GLY E 99 -5.14 18.16 25.26
CA GLY E 99 -5.34 18.50 23.85
C GLY E 99 -4.06 18.99 23.18
N GLU E 100 -3.26 19.75 23.95
CA GLU E 100 -2.03 20.43 23.48
C GLU E 100 -0.78 19.51 23.44
N TYR E 101 -0.57 18.87 22.29
CA TYR E 101 0.38 17.76 22.08
C TYR E 101 1.85 18.08 22.41
N ARG E 102 2.45 17.24 23.25
CA ARG E 102 3.89 17.31 23.50
C ARG E 102 4.60 15.94 23.44
N LEU E 103 5.52 15.81 22.48
CA LEU E 103 6.33 14.61 22.31
C LEU E 103 7.78 14.97 22.50
N ASP E 104 8.47 14.21 23.34
CA ASP E 104 9.92 14.34 23.49
C ASP E 104 10.59 13.05 23.10
N ILE E 105 11.57 13.15 22.21
CA ILE E 105 12.36 12.00 21.85
C ILE E 105 13.80 12.26 22.21
N VAL E 106 14.35 11.40 23.06
CA VAL E 106 15.77 11.45 23.36
C VAL E 106 16.46 10.36 22.57
N TRP E 107 17.26 10.77 21.60
CA TRP E 107 18.04 9.81 20.83
C TRP E 107 19.27 9.47 21.62
N SER E 108 19.35 8.23 22.07
CA SER E 108 20.35 7.82 23.06
C SER E 108 21.59 7.19 22.45
N ARG E 109 21.41 6.28 21.50
CA ARG E 109 22.57 5.73 20.79
C ARG E 109 22.34 5.38 19.34
N ILE E 110 23.44 5.37 18.58
CA ILE E 110 23.45 4.99 17.18
C ILE E 110 24.28 3.71 17.04
N ILE E 111 23.73 2.73 16.34
CA ILE E 111 24.48 1.50 16.04
C ILE E 111 24.75 1.41 14.54
N THR E 112 26.03 1.48 14.17
CA THR E 112 26.43 1.40 12.76
C THR E 112 26.23 -0.02 12.23
N PRO E 113 26.12 -0.17 10.89
CA PRO E 113 25.89 -1.49 10.31
C PRO E 113 27.00 -2.49 10.66
N HIS E 114 28.21 -1.98 10.89
CA HIS E 114 29.31 -2.84 11.32
C HIS E 114 29.26 -3.17 12.80
N GLY E 115 28.43 -2.43 13.54
CA GLY E 115 28.17 -2.73 14.94
C GLY E 115 28.95 -1.90 15.97
N ILE E 116 29.48 -0.76 15.57
CA ILE E 116 30.08 0.16 16.53
C ILE E 116 28.98 0.97 17.20
N ASN E 117 29.00 1.02 18.52
CA ASN E 117 28.02 1.78 19.26
C ASN E 117 28.45 3.21 19.53
N ILE E 118 27.61 4.17 19.12
CA ILE E 118 27.86 5.56 19.39
C ILE E 118 26.91 6.03 20.49
N MET E 119 27.44 6.33 21.67
CA MET E 119 26.63 6.86 22.77
C MET E 119 26.34 8.34 22.61
N LEU E 120 25.08 8.69 22.86
CA LEU E 120 24.66 10.08 22.88
C LEU E 120 24.17 10.44 24.28
N THR E 121 23.42 9.52 24.89
CA THR E 121 22.95 9.66 26.28
C THR E 121 22.79 8.26 26.88
N ASN E 122 23.36 8.03 28.07
CA ASN E 122 23.39 6.69 28.69
C ASN E 122 22.09 6.13 29.25
N ALA E 123 22.20 4.96 29.90
CA ALA E 123 21.09 4.31 30.61
C ALA E 123 21.45 4.05 32.09
N GLY E 133 7.79 6.44 32.03
CA GLY E 133 8.27 6.11 33.38
C GLY E 133 9.72 5.68 33.42
N LEU E 134 10.45 5.94 32.34
CA LEU E 134 11.88 5.58 32.21
C LEU E 134 12.67 6.56 31.30
N VAL E 135 11.95 7.54 30.72
CA VAL E 135 12.52 8.58 29.84
C VAL E 135 13.06 9.77 30.62
N GLY E 136 12.23 10.28 31.54
CA GLY E 136 12.55 11.46 32.36
C GLY E 136 13.96 11.54 32.92
N GLU E 137 14.51 10.39 33.32
CA GLU E 137 15.87 10.36 33.88
C GLU E 137 16.92 10.78 32.86
N LEU E 138 16.67 10.47 31.59
CA LEU E 138 17.60 10.78 30.50
C LEU E 138 17.65 12.27 30.17
N ILE E 139 16.51 12.95 30.27
CA ILE E 139 16.44 14.41 30.07
C ILE E 139 17.19 15.11 31.19
N GLU E 140 17.14 14.53 32.40
CA GLU E 140 17.87 15.02 33.57
C GLU E 140 19.39 14.92 33.39
N ARG E 141 19.87 13.80 32.85
CA ARG E 141 21.28 13.67 32.49
C ARG E 141 21.67 14.89 31.65
N ASN E 142 20.98 15.05 30.51
CA ASN E 142 21.17 16.17 29.58
C ASN E 142 20.93 17.57 30.18
N PHE E 143 19.92 17.67 31.07
CA PHE E 143 19.55 18.95 31.72
C PHE E 143 20.63 19.47 32.65
N GLN E 144 21.59 18.58 32.96
CA GLN E 144 22.63 18.87 33.93
C GLN E 144 23.98 18.83 33.25
N ARG E 145 24.21 17.78 32.47
CA ARG E 145 25.46 17.60 31.75
C ARG E 145 25.65 18.72 30.72
N TYR E 146 24.55 19.37 30.32
CA TYR E 146 24.56 20.36 29.23
C TYR E 146 23.63 21.57 29.37
N GLY E 147 22.71 21.52 30.35
CA GLY E 147 21.71 22.57 30.48
C GLY E 147 20.58 22.50 29.44
N VAL E 148 20.89 22.06 28.21
CA VAL E 148 19.88 21.88 27.15
C VAL E 148 19.08 20.61 27.47
N PRO E 149 17.73 20.66 27.32
CA PRO E 149 16.93 19.45 27.57
C PRO E 149 17.16 18.32 26.55
N LEU E 150 17.26 18.66 25.27
CA LEU E 150 17.46 17.67 24.23
C LEU E 150 18.69 18.01 23.43
N LEU E 151 19.51 17.00 23.15
CA LEU E 151 20.74 17.24 22.40
C LEU E 151 20.49 17.10 20.90
N LEU E 152 19.41 16.41 20.54
CA LEU E 152 19.06 16.18 19.15
C LEU E 152 17.60 16.50 18.95
N SER E 153 17.29 17.37 18.00
CA SER E 153 15.90 17.65 17.64
C SER E 153 15.39 16.63 16.64
N THR E 154 14.09 16.43 16.62
CA THR E 154 13.46 15.56 15.64
C THR E 154 12.49 16.34 14.77
N LEU E 155 12.84 16.46 13.50
CA LEU E 155 12.09 17.29 12.54
C LEU E 155 11.39 16.44 11.51
N THR E 156 10.36 17.00 10.86
CA THR E 156 9.58 16.29 9.83
C THR E 156 10.34 16.12 8.54
N ASN E 157 10.20 14.95 7.96
CA ASN E 157 10.53 14.78 6.58
C ASN E 157 9.38 14.04 5.91
N GLY E 158 8.19 14.20 6.48
CA GLY E 158 7.00 13.47 6.04
C GLY E 158 6.61 12.43 7.07
N LEU E 159 5.88 12.86 8.09
CA LEU E 159 5.34 11.95 9.10
C LEU E 159 4.01 11.37 8.65
N LEU E 160 3.83 10.07 8.88
CA LEU E 160 2.54 9.42 8.68
C LEU E 160 1.75 9.45 9.97
N ILE E 161 0.84 10.42 10.08
CA ILE E 161 0.15 10.70 11.34
C ILE E 161 -1.31 10.27 11.36
N GLY E 162 -1.62 9.32 12.25
CA GLY E 162 -3.00 8.88 12.50
C GLY E 162 -3.52 9.50 13.78
N ILE E 163 -4.76 9.96 13.78
CA ILE E 163 -5.15 11.00 14.73
C ILE E 163 -6.54 10.86 15.42
N THR E 164 -6.82 9.69 16.01
CA THR E 164 -8.17 9.40 16.54
C THR E 164 -8.49 10.07 17.89
N SER E 165 -9.79 10.29 18.13
CA SER E 165 -10.28 10.76 19.43
C SER E 165 -10.71 9.58 20.31
N ALA E 166 -10.41 9.67 21.62
CA ALA E 166 -10.63 8.57 22.59
C ALA E 166 -12.10 8.16 22.79
N LEU E 167 -13.01 9.15 22.79
CA LEU E 167 -14.46 8.89 22.89
C LEU E 167 -15.16 9.12 21.56
N PHE E 180 -28.14 12.19 24.04
CA PHE E 180 -28.99 13.14 24.77
C PHE E 180 -29.33 12.64 26.19
N GLY E 181 -28.36 12.76 27.10
CA GLY E 181 -28.52 12.28 28.48
C GLY E 181 -27.44 12.75 29.47
N ASP E 182 -26.17 12.41 29.16
CA ASP E 182 -25.03 12.98 29.88
C ASP E 182 -25.17 14.51 29.85
N TYR E 183 -25.28 15.04 28.62
CA TYR E 183 -25.66 16.44 28.35
C TYR E 183 -26.91 16.92 29.13
N LEU E 184 -27.95 16.07 29.23
CA LEU E 184 -29.26 16.47 29.79
C LEU E 184 -29.30 16.47 31.32
N LEU E 185 -28.65 15.50 31.95
CA LEU E 185 -28.62 15.45 33.41
C LEU E 185 -27.82 16.61 33.98
N MET E 186 -26.77 17.00 33.26
CA MET E 186 -25.99 18.17 33.62
C MET E 186 -26.89 19.39 33.73
N GLN E 187 -27.68 19.66 32.71
CA GLN E 187 -28.48 20.86 32.66
C GLN E 187 -29.50 20.89 33.76
N LEU E 188 -30.09 19.73 34.05
CA LEU E 188 -31.19 19.66 35.00
C LEU E 188 -30.73 19.77 36.43
N MET E 189 -29.57 19.19 36.70
CA MET E 189 -28.94 19.22 38.01
C MET E 189 -28.09 20.47 38.20
N ARG E 190 -26.91 20.46 37.56
CA ARG E 190 -25.91 21.54 37.68
C ARG E 190 -26.37 22.88 37.09
N GLN E 191 -26.68 22.91 35.78
CA GLN E 191 -26.77 24.20 35.05
C GLN E 191 -28.16 24.66 34.53
N SER E 192 -29.20 24.49 35.33
CA SER E 192 -30.50 25.04 34.98
C SER E 192 -30.47 26.55 35.05
N GLY E 193 -31.04 27.22 34.06
CA GLY E 193 -31.06 28.67 34.07
C GLY E 193 -29.97 29.26 33.21
N MET E 194 -28.90 28.51 33.01
CA MET E 194 -27.80 28.93 32.16
C MET E 194 -28.32 29.21 30.74
N GLY E 195 -27.61 30.01 29.95
CA GLY E 195 -28.10 30.43 28.64
C GLY E 195 -27.62 29.49 27.57
N ILE E 196 -28.40 29.33 26.50
CA ILE E 196 -28.12 28.30 25.50
C ILE E 196 -26.64 28.27 25.13
N ASN E 197 -26.16 29.37 24.56
CA ASN E 197 -24.81 29.39 24.04
C ASN E 197 -23.85 28.82 25.06
N GLN E 198 -24.14 29.08 26.33
CA GLN E 198 -23.21 28.74 27.39
C GLN E 198 -23.10 27.23 27.57
N VAL E 199 -24.22 26.57 27.84
CA VAL E 199 -24.21 25.13 28.11
C VAL E 199 -23.53 24.37 26.99
N VAL E 200 -23.83 24.73 25.74
CA VAL E 200 -23.30 23.99 24.60
C VAL E 200 -21.83 24.26 24.38
N ASN E 201 -21.40 25.50 24.58
CA ASN E 201 -19.98 25.84 24.51
C ASN E 201 -19.25 25.17 25.67
N GLN E 202 -19.96 25.03 26.79
CA GLN E 202 -19.44 24.24 27.89
C GLN E 202 -19.22 22.78 27.50
N ILE E 203 -20.15 22.22 26.74
CA ILE E 203 -20.03 20.83 26.31
C ILE E 203 -18.90 20.62 25.31
N LEU E 204 -18.64 21.65 24.51
CA LEU E 204 -17.72 21.52 23.40
C LEU E 204 -16.30 21.79 23.84
N ARG E 205 -16.11 22.89 24.55
CA ARG E 205 -14.84 23.17 25.18
C ARG E 205 -14.48 22.00 26.09
N ASP E 206 -15.47 21.53 26.84
CA ASP E 206 -15.35 20.30 27.62
C ASP E 206 -14.82 19.12 26.79
N LYS E 207 -15.37 18.94 25.58
CA LYS E 207 -14.99 17.82 24.71
C LYS E 207 -13.54 17.84 24.25
N SER E 208 -12.78 18.80 24.77
CA SER E 208 -11.41 18.97 24.34
C SER E 208 -10.42 19.06 25.51
N LYS E 209 -10.75 18.38 26.61
CA LYS E 209 -9.79 18.15 27.69
C LYS E 209 -9.17 16.80 27.39
N ILE E 210 -10.05 15.87 27.02
CA ILE E 210 -9.66 14.54 26.62
C ILE E 210 -8.71 14.68 25.43
N ALA E 211 -7.44 14.33 25.67
CA ALA E 211 -6.41 14.37 24.63
C ALA E 211 -6.68 13.30 23.55
N PRO E 212 -6.57 13.70 22.28
CA PRO E 212 -6.68 12.77 21.14
C PRO E 212 -5.54 11.72 21.12
N ILE E 213 -5.83 10.51 20.64
CA ILE E 213 -4.78 9.51 20.43
C ILE E 213 -4.06 9.78 19.08
N VAL E 214 -2.82 10.21 19.18
CA VAL E 214 -1.97 10.48 18.02
C VAL E 214 -0.91 9.40 17.84
N VAL E 215 -0.89 8.81 16.65
CA VAL E 215 0.12 7.83 16.33
C VAL E 215 0.95 8.35 15.17
N ILE E 216 2.26 8.23 15.30
CA ILE E 216 3.19 8.49 14.21
C ILE E 216 3.67 7.12 13.71
N ARG E 217 3.10 6.68 12.60
CA ARG E 217 3.32 5.33 12.08
C ARG E 217 4.76 5.06 11.69
N GLU E 218 5.16 3.79 11.77
CA GLU E 218 6.44 3.38 11.24
C GLU E 218 6.47 3.69 9.74
N GLY E 219 7.64 4.03 9.23
CA GLY E 219 7.78 4.47 7.85
C GLY E 219 7.74 5.98 7.73
N SER E 220 7.38 6.64 8.83
CA SER E 220 7.45 8.09 8.91
C SER E 220 8.88 8.53 8.67
N ARG E 221 9.02 9.63 7.93
CA ARG E 221 10.31 10.17 7.54
C ARG E 221 10.63 11.40 8.39
N VAL E 222 11.88 11.49 8.82
CA VAL E 222 12.28 12.39 9.87
C VAL E 222 13.67 12.96 9.62
N PHE E 223 13.93 14.18 10.08
CA PHE E 223 15.30 14.68 10.19
C PHE E 223 15.72 14.67 11.65
N ILE E 224 16.84 14.03 11.95
CA ILE E 224 17.45 14.13 13.27
C ILE E 224 18.53 15.21 13.20
N SER E 225 18.40 16.22 14.06
CA SER E 225 19.25 17.41 13.99
C SER E 225 19.96 17.71 15.30
N PRO E 226 21.30 17.73 15.28
CA PRO E 226 22.06 18.07 16.48
C PRO E 226 21.84 19.52 16.84
N ASN E 227 21.58 19.76 18.12
CA ASN E 227 21.44 21.11 18.64
C ASN E 227 22.79 21.73 18.99
N THR E 228 23.84 20.93 18.92
CA THR E 228 25.21 21.42 19.06
C THR E 228 26.10 20.62 18.14
N ASP E 229 27.31 21.12 17.92
CA ASP E 229 28.33 20.31 17.26
C ASP E 229 28.54 19.05 18.11
N ILE E 230 28.65 17.91 17.44
CA ILE E 230 28.94 16.66 18.13
C ILE E 230 30.25 16.10 17.63
N PHE E 231 31.20 15.93 18.54
CA PHE E 231 32.48 15.34 18.21
C PHE E 231 32.46 13.84 18.47
N PHE E 232 32.93 13.08 17.47
CA PHE E 232 32.97 11.63 17.53
C PHE E 232 34.43 11.17 17.69
N PRO E 233 34.82 10.77 18.92
CA PRO E 233 36.16 10.19 19.07
C PRO E 233 36.34 8.91 18.27
N ILE E 234 37.59 8.56 17.99
CA ILE E 234 37.91 7.35 17.26
C ILE E 234 37.44 6.16 18.10
N PRO E 235 36.66 5.24 17.49
CA PRO E 235 36.10 4.13 18.25
C PRO E 235 37.14 3.21 18.86
N ARG E 236 36.97 2.92 20.14
CA ARG E 236 37.77 1.92 20.85
C ARG E 236 36.88 0.75 21.27
N GLU E 237 37.25 -0.46 20.85
CA GLU E 237 36.48 -1.68 21.12
C GLU E 237 34.98 -1.48 20.85
N ASN E 238 34.69 -1.08 19.61
CA ASN E 238 33.31 -0.89 19.12
C ASN E 238 32.49 0.16 19.84
N GLU E 239 33.16 1.11 20.50
CA GLU E 239 32.45 2.11 21.31
C GLU E 239 32.92 3.54 21.06
N VAL E 240 31.94 4.44 20.85
CA VAL E 240 32.23 5.86 20.71
C VAL E 240 31.37 6.61 21.71
N ILE E 241 32.01 7.32 22.63
CA ILE E 241 31.28 8.19 23.52
C ILE E 241 31.33 9.61 22.94
N ALA E 242 30.22 10.04 22.35
CA ALA E 242 30.15 11.33 21.66
C ALA E 242 30.30 12.52 22.60
N GLU E 243 30.90 13.59 22.11
CA GLU E 243 31.07 14.81 22.90
C GLU E 243 30.30 15.96 22.29
N PHE E 244 29.54 16.66 23.11
CA PHE E 244 28.74 17.78 22.63
C PHE E 244 29.39 19.09 23.04
N LEU E 245 30.08 19.73 22.09
CA LEU E 245 30.77 20.99 22.36
C LEU E 245 29.76 22.15 22.47
N LYS E 246 29.17 22.29 23.67
CA LYS E 246 28.07 23.24 23.89
C LYS E 246 28.49 24.41 24.77
N ASN F 36 -34.29 -61.17 -4.48
CA ASN F 36 -35.14 -60.23 -3.69
C ASN F 36 -34.36 -59.03 -3.16
N LYS F 37 -33.04 -59.00 -3.40
CA LYS F 37 -32.16 -57.96 -2.84
C LYS F 37 -32.55 -56.54 -3.27
N LEU F 38 -32.75 -56.34 -4.56
CA LEU F 38 -33.10 -55.03 -5.11
C LEU F 38 -34.29 -54.37 -4.41
N LEU F 39 -35.21 -55.19 -3.90
CA LEU F 39 -36.42 -54.70 -3.21
C LEU F 39 -36.15 -53.91 -1.91
N ARG F 40 -34.91 -53.96 -1.41
CA ARG F 40 -34.45 -53.15 -0.26
C ARG F 40 -33.06 -52.55 -0.52
N THR F 41 -32.90 -52.01 -1.73
CA THR F 41 -31.63 -51.43 -2.16
C THR F 41 -31.83 -50.00 -2.69
N ILE F 42 -30.88 -49.13 -2.36
CA ILE F 42 -30.85 -47.82 -2.98
C ILE F 42 -29.76 -47.84 -4.06
N THR F 43 -30.15 -47.48 -5.27
CA THR F 43 -29.25 -47.49 -6.41
C THR F 43 -28.17 -46.42 -6.28
N ALA F 44 -26.95 -46.79 -6.66
CA ALA F 44 -25.86 -45.83 -6.81
C ALA F 44 -26.36 -44.56 -7.50
N ASP F 45 -25.92 -43.43 -6.98
CA ASP F 45 -26.31 -42.12 -7.48
C ASP F 45 -27.82 -41.83 -7.47
N LYS F 46 -28.54 -42.42 -6.51
CA LYS F 46 -29.82 -41.86 -6.15
C LYS F 46 -29.47 -40.52 -5.53
N MET F 47 -30.34 -39.54 -5.69
CA MET F 47 -30.09 -38.24 -5.09
C MET F 47 -31.01 -38.09 -3.90
N ILE F 48 -30.46 -38.24 -2.70
CA ILE F 48 -31.22 -38.05 -1.48
C ILE F 48 -31.17 -36.60 -1.06
N PRO F 49 -32.25 -35.85 -1.33
CA PRO F 49 -32.23 -34.43 -1.02
C PRO F 49 -32.35 -34.18 0.48
N ALA F 50 -31.48 -33.34 0.99
CA ALA F 50 -31.47 -33.02 2.42
C ALA F 50 -31.06 -31.58 2.64
N PHE F 51 -31.48 -31.03 3.78
CA PHE F 51 -31.02 -29.71 4.20
C PHE F 51 -30.26 -29.78 5.52
N LEU F 52 -29.27 -28.90 5.69
CA LEU F 52 -28.42 -28.91 6.88
C LEU F 52 -29.07 -28.22 8.06
N ILE F 53 -29.13 -28.91 9.18
CA ILE F 53 -29.63 -28.34 10.44
C ILE F 53 -28.49 -27.62 11.18
N THR F 54 -27.28 -28.10 10.94
CA THR F 54 -26.06 -27.62 11.59
C THR F 54 -25.14 -27.02 10.52
N PRO F 55 -24.46 -25.91 10.84
CA PRO F 55 -23.52 -25.33 9.87
C PRO F 55 -22.20 -26.08 9.81
N ILE F 56 -21.48 -25.87 8.70
CA ILE F 56 -20.14 -26.42 8.49
C ILE F 56 -19.16 -25.24 8.38
N SER F 57 -18.36 -25.03 9.43
CA SER F 57 -17.29 -24.01 9.39
C SER F 57 -15.95 -24.59 8.87
N SER F 58 -15.15 -23.76 8.19
CA SER F 58 -13.90 -24.26 7.54
C SER F 58 -12.67 -24.32 8.46
N GLN F 59 -12.74 -23.69 9.63
CA GLN F 59 -11.67 -23.88 10.60
C GLN F 59 -11.95 -25.19 11.35
N ILE F 60 -12.87 -25.11 12.32
CA ILE F 60 -13.41 -26.26 13.07
C ILE F 60 -13.69 -27.44 12.14
N ALA F 61 -13.13 -28.61 12.49
CA ALA F 61 -13.63 -29.88 11.96
C ALA F 61 -14.60 -30.43 13.01
N GLY F 62 -15.81 -30.82 12.58
CA GLY F 62 -16.84 -31.18 13.53
C GLY F 62 -17.94 -32.10 13.04
N LYS F 63 -19.12 -31.96 13.65
CA LYS F 63 -20.27 -32.79 13.34
C LYS F 63 -21.31 -31.98 12.56
N VAL F 64 -22.03 -32.66 11.67
CA VAL F 64 -23.11 -32.05 10.90
C VAL F 64 -24.37 -32.91 10.95
N ILE F 65 -25.54 -32.26 11.02
CA ILE F 65 -26.81 -32.96 10.94
C ILE F 65 -27.64 -32.44 9.78
N ALA F 66 -28.07 -33.35 8.90
CA ALA F 66 -28.95 -33.01 7.80
C ALA F 66 -30.29 -33.72 7.96
N GLN F 67 -31.30 -33.22 7.27
CA GLN F 67 -32.62 -33.82 7.32
C GLN F 67 -33.15 -34.15 5.92
N VAL F 68 -33.54 -35.40 5.72
CA VAL F 68 -33.98 -35.86 4.42
C VAL F 68 -35.32 -35.21 4.08
N GLU F 69 -35.45 -34.75 2.84
CA GLU F 69 -36.61 -33.95 2.42
C GLU F 69 -37.81 -34.73 1.84
N SER F 70 -37.61 -36.00 1.51
CA SER F 70 -38.67 -36.81 0.94
C SER F 70 -38.36 -38.29 1.06
N ASP F 71 -39.39 -39.13 1.01
CA ASP F 71 -39.22 -40.58 1.10
C ASP F 71 -38.27 -41.10 0.05
N ILE F 72 -37.37 -41.99 0.47
CA ILE F 72 -36.47 -42.63 -0.47
C ILE F 72 -36.89 -44.10 -0.65
N PHE F 73 -37.34 -44.43 -1.86
CA PHE F 73 -37.85 -45.77 -2.18
C PHE F 73 -36.76 -46.70 -2.64
N ALA F 74 -36.91 -47.98 -2.34
CA ALA F 74 -35.99 -48.98 -2.84
C ALA F 74 -36.13 -49.10 -4.36
N HIS F 75 -35.03 -49.38 -5.05
CA HIS F 75 -35.01 -49.43 -6.52
C HIS F 75 -36.17 -50.19 -7.14
N MET F 76 -36.63 -51.23 -6.45
CA MET F 76 -37.72 -52.08 -6.89
C MET F 76 -38.70 -52.27 -5.73
N GLY F 77 -39.98 -52.31 -6.03
CA GLY F 77 -41.01 -52.42 -4.99
C GLY F 77 -41.37 -51.08 -4.41
N LYS F 78 -42.00 -51.11 -3.24
CA LYS F 78 -42.59 -49.90 -2.66
C LYS F 78 -42.12 -49.62 -1.24
N ALA F 79 -41.08 -50.32 -0.82
CA ALA F 79 -40.45 -50.10 0.47
C ALA F 79 -39.86 -48.68 0.58
N VAL F 80 -40.24 -47.95 1.62
CA VAL F 80 -39.57 -46.69 1.92
C VAL F 80 -38.38 -46.98 2.82
N LEU F 81 -37.17 -46.93 2.25
CA LEU F 81 -35.95 -47.27 2.98
C LEU F 81 -35.46 -46.11 3.85
N ILE F 82 -35.47 -44.89 3.31
CA ILE F 82 -35.22 -43.69 4.11
C ILE F 82 -36.45 -42.78 4.08
N PRO F 83 -37.21 -42.75 5.19
CA PRO F 83 -38.42 -41.94 5.31
C PRO F 83 -38.13 -40.45 5.35
N LYS F 84 -38.98 -39.68 4.67
CA LYS F 84 -38.96 -38.23 4.79
C LYS F 84 -38.81 -37.83 6.26
N GLY F 85 -37.93 -36.88 6.53
CA GLY F 85 -37.78 -36.34 7.87
C GLY F 85 -36.71 -37.03 8.69
N SER F 86 -36.07 -38.06 8.14
CA SER F 86 -34.94 -38.71 8.82
C SER F 86 -33.75 -37.75 9.00
N LYS F 87 -33.08 -37.87 10.13
CA LYS F 87 -31.86 -37.13 10.38
C LYS F 87 -30.70 -37.94 9.84
N VAL F 88 -29.77 -37.27 9.16
CA VAL F 88 -28.51 -37.89 8.77
C VAL F 88 -27.39 -37.25 9.56
N ILE F 89 -26.62 -38.07 10.25
CA ILE F 89 -25.52 -37.59 11.07
C ILE F 89 -24.20 -37.85 10.38
N GLY F 90 -23.42 -36.79 10.21
CA GLY F 90 -22.13 -36.89 9.56
C GLY F 90 -21.03 -36.18 10.33
N TYR F 91 -19.79 -36.47 9.96
CA TYR F 91 -18.62 -35.84 10.54
C TYR F 91 -17.76 -35.26 9.43
N TYR F 92 -17.31 -34.04 9.62
CA TYR F 92 -16.63 -33.32 8.56
C TYR F 92 -15.29 -32.77 9.00
N SER F 93 -14.39 -32.61 8.04
CA SER F 93 -13.12 -31.93 8.27
C SER F 93 -12.68 -31.14 7.05
N ASN F 94 -11.99 -30.04 7.28
CA ASN F 94 -11.40 -29.24 6.19
C ASN F 94 -9.90 -29.44 6.11
N ASN F 95 -9.33 -29.12 4.94
CA ASN F 95 -7.89 -29.33 4.70
C ASN F 95 -7.37 -28.57 3.45
N ASN F 96 -7.09 -27.27 3.62
CA ASN F 96 -6.52 -26.44 2.55
C ASN F 96 -5.01 -26.69 2.35
N LYS F 97 -4.66 -27.05 1.11
CA LYS F 97 -3.27 -27.02 0.63
C LYS F 97 -3.27 -26.53 -0.82
N MET F 98 -2.59 -25.40 -1.04
CA MET F 98 -2.71 -24.59 -2.27
C MET F 98 -3.96 -23.70 -2.23
N GLY F 99 -4.27 -23.16 -1.05
CA GLY F 99 -5.45 -22.28 -0.85
C GLY F 99 -6.76 -22.92 -1.30
N GLU F 100 -6.65 -23.76 -2.34
CA GLU F 100 -7.69 -24.69 -2.81
C GLU F 100 -8.22 -25.56 -1.68
N TYR F 101 -9.52 -25.44 -1.47
CA TYR F 101 -10.17 -25.85 -0.25
C TYR F 101 -10.71 -27.27 -0.39
N ARG F 102 -10.66 -28.03 0.70
CA ARG F 102 -11.12 -29.43 0.70
C ARG F 102 -11.99 -29.78 1.94
N LEU F 103 -13.21 -30.22 1.66
CA LEU F 103 -14.16 -30.65 2.68
C LEU F 103 -14.47 -32.11 2.48
N ASP F 104 -14.36 -32.89 3.53
CA ASP F 104 -14.83 -34.26 3.49
C ASP F 104 -15.94 -34.45 4.50
N ILE F 105 -17.04 -35.04 4.07
CA ILE F 105 -18.12 -35.38 4.98
C ILE F 105 -18.34 -36.87 4.92
N VAL F 106 -18.18 -37.53 6.07
CA VAL F 106 -18.54 -38.94 6.18
C VAL F 106 -19.90 -39.03 6.86
N TRP F 107 -20.92 -39.40 6.09
CA TRP F 107 -22.24 -39.64 6.65
C TRP F 107 -22.23 -41.01 7.31
N SER F 108 -22.36 -41.01 8.63
CA SER F 108 -22.13 -42.23 9.41
C SER F 108 -23.42 -42.99 9.76
N ARG F 109 -24.47 -42.27 10.17
CA ARG F 109 -25.76 -42.94 10.39
C ARG F 109 -26.98 -42.08 10.08
N ILE F 110 -28.09 -42.77 9.83
CA ILE F 110 -29.37 -42.16 9.55
C ILE F 110 -30.31 -42.59 10.66
N ILE F 111 -31.03 -41.63 11.23
CA ILE F 111 -32.06 -41.95 12.23
C ILE F 111 -33.44 -41.61 11.67
N THR F 112 -34.29 -42.62 11.48
CA THR F 112 -35.63 -42.41 10.97
C THR F 112 -36.50 -41.74 12.03
N PRO F 113 -37.61 -41.10 11.61
CA PRO F 113 -38.49 -40.40 12.55
C PRO F 113 -39.04 -41.33 13.63
N HIS F 114 -39.21 -42.61 13.31
CA HIS F 114 -39.67 -43.58 14.29
C HIS F 114 -38.53 -44.05 15.21
N GLY F 115 -37.30 -43.75 14.83
CA GLY F 115 -36.15 -44.01 15.69
C GLY F 115 -35.37 -45.28 15.39
N ILE F 116 -35.49 -45.80 14.17
CA ILE F 116 -34.61 -46.91 13.75
C ILE F 116 -33.28 -46.35 13.27
N ASN F 117 -32.19 -46.90 13.77
CA ASN F 117 -30.86 -46.44 13.41
C ASN F 117 -30.29 -47.23 12.24
N ILE F 118 -29.91 -46.51 11.19
CA ILE F 118 -29.25 -47.10 10.03
C ILE F 118 -27.75 -46.75 10.04
N MET F 119 -26.91 -47.75 10.28
CA MET F 119 -25.46 -47.55 10.27
C MET F 119 -24.91 -47.52 8.86
N LEU F 120 -24.04 -46.55 8.60
CA LEU F 120 -23.32 -46.46 7.35
C LEU F 120 -21.82 -46.61 7.61
N THR F 121 -21.34 -45.97 8.67
CA THR F 121 -19.94 -46.13 9.13
C THR F 121 -19.91 -45.92 10.64
N ASN F 122 -19.29 -46.86 11.36
CA ASN F 122 -19.34 -46.90 12.83
C ASN F 122 -18.56 -45.82 13.59
N ALA F 123 -18.66 -45.91 14.92
CA ALA F 123 -17.87 -45.14 15.87
C ALA F 123 -16.59 -45.91 16.25
N GLY F 130 -8.90 -36.27 19.14
CA GLY F 130 -9.30 -35.09 18.36
C GLY F 130 -10.76 -35.10 17.93
N TYR F 131 -11.07 -34.27 16.92
CA TYR F 131 -12.40 -34.27 16.26
C TYR F 131 -12.19 -34.45 14.75
N ASN F 132 -11.18 -33.77 14.23
CA ASN F 132 -10.64 -33.99 12.89
C ASN F 132 -10.15 -35.45 12.72
N GLY F 133 -9.33 -35.91 13.66
CA GLY F 133 -8.80 -37.27 13.63
C GLY F 133 -9.87 -38.36 13.52
N LEU F 134 -11.08 -38.04 13.97
CA LEU F 134 -12.21 -38.94 13.83
C LEU F 134 -12.60 -39.11 12.36
N VAL F 135 -12.44 -38.04 11.59
CA VAL F 135 -12.76 -38.09 10.17
C VAL F 135 -11.67 -38.82 9.38
N GLY F 136 -10.41 -38.48 9.62
CA GLY F 136 -9.31 -39.19 8.99
C GLY F 136 -9.46 -40.69 9.19
N GLU F 137 -9.90 -41.07 10.38
CA GLU F 137 -10.01 -42.47 10.76
C GLU F 137 -11.25 -43.14 10.20
N LEU F 138 -12.35 -42.40 10.13
CA LEU F 138 -13.59 -42.93 9.59
C LEU F 138 -13.46 -43.27 8.11
N ILE F 139 -12.67 -42.45 7.40
CA ILE F 139 -12.33 -42.68 6.00
C ILE F 139 -11.52 -43.96 5.91
N GLU F 140 -10.58 -44.12 6.83
CA GLU F 140 -9.75 -45.30 6.87
C GLU F 140 -10.56 -46.58 7.01
N ARG F 141 -11.65 -46.52 7.77
CA ARG F 141 -12.54 -47.67 7.93
C ARG F 141 -13.32 -47.92 6.64
N ASN F 142 -13.65 -46.84 5.93
CA ASN F 142 -14.29 -46.95 4.62
C ASN F 142 -13.35 -47.56 3.57
N PHE F 143 -12.11 -47.07 3.54
CA PHE F 143 -11.08 -47.64 2.69
C PHE F 143 -10.98 -49.14 2.92
N GLN F 144 -10.81 -49.52 4.19
CA GLN F 144 -10.57 -50.91 4.56
C GLN F 144 -11.75 -51.81 4.25
N ARG F 145 -12.96 -51.31 4.44
CA ARG F 145 -14.17 -52.11 4.22
C ARG F 145 -14.61 -52.16 2.76
N TYR F 146 -14.68 -51.01 2.07
CA TYR F 146 -15.19 -51.00 0.70
C TYR F 146 -14.29 -50.33 -0.36
N GLY F 147 -13.04 -50.05 -0.02
CA GLY F 147 -12.01 -49.67 -1.00
C GLY F 147 -12.06 -48.25 -1.54
N VAL F 148 -13.10 -47.54 -1.14
CA VAL F 148 -13.40 -46.20 -1.58
C VAL F 148 -13.26 -45.31 -0.34
N PRO F 149 -12.77 -44.07 -0.48
CA PRO F 149 -12.65 -43.20 0.70
C PRO F 149 -13.99 -42.76 1.31
N LEU F 150 -14.96 -42.42 0.47
CA LEU F 150 -16.27 -42.00 0.94
C LEU F 150 -17.34 -42.87 0.32
N LEU F 151 -18.29 -43.32 1.14
CA LEU F 151 -19.36 -44.18 0.66
C LEU F 151 -20.54 -43.38 0.15
N LEU F 152 -20.60 -42.11 0.53
CA LEU F 152 -21.68 -41.21 0.14
C LEU F 152 -21.08 -39.87 -0.26
N SER F 153 -21.40 -39.40 -1.45
CA SER F 153 -20.99 -38.07 -1.88
C SER F 153 -21.98 -37.02 -1.39
N THR F 154 -21.51 -35.78 -1.26
CA THR F 154 -22.37 -34.67 -0.87
C THR F 154 -22.34 -33.63 -1.97
N LEU F 155 -23.47 -33.47 -2.65
CA LEU F 155 -23.61 -32.57 -3.81
C LEU F 155 -24.48 -31.36 -3.47
N THR F 156 -24.35 -30.30 -4.27
CA THR F 156 -25.13 -29.07 -4.05
C THR F 156 -26.56 -29.24 -4.45
N ASN F 157 -27.44 -28.63 -3.66
CA ASN F 157 -28.77 -28.37 -4.10
C ASN F 157 -29.10 -26.93 -3.72
N GLY F 158 -28.05 -26.13 -3.61
CA GLY F 158 -28.18 -24.75 -3.12
C GLY F 158 -27.57 -24.56 -1.75
N LEU F 159 -26.25 -24.38 -1.72
CA LEU F 159 -25.53 -24.13 -0.50
C LEU F 159 -25.57 -22.65 -0.19
N LEU F 160 -25.80 -22.32 1.07
CA LEU F 160 -25.64 -20.95 1.52
C LEU F 160 -24.21 -20.75 2.02
N ILE F 161 -23.38 -20.13 1.18
CA ILE F 161 -21.94 -20.06 1.46
C ILE F 161 -21.51 -18.67 1.88
N GLY F 162 -20.95 -18.55 3.09
CA GLY F 162 -20.31 -17.34 3.56
C GLY F 162 -18.80 -17.44 3.37
N ILE F 163 -18.24 -16.46 2.68
CA ILE F 163 -16.79 -16.29 2.55
C ILE F 163 -16.25 -14.95 3.10
N THR F 164 -15.31 -15.03 4.04
CA THR F 164 -14.48 -13.85 4.41
C THR F 164 -13.00 -14.21 4.47
N ASP F 182 4.35 -1.32 7.43
CA ASP F 182 4.22 -2.66 6.87
C ASP F 182 4.63 -2.64 5.37
N TYR F 183 3.65 -2.37 4.49
CA TYR F 183 3.89 -1.96 3.10
C TYR F 183 5.09 -1.04 3.00
N LEU F 184 4.99 0.12 3.65
CA LEU F 184 5.95 1.18 3.53
C LEU F 184 7.29 0.78 4.10
N LEU F 185 7.29 0.23 5.31
CA LEU F 185 8.53 -0.11 5.99
C LEU F 185 9.35 -1.08 5.17
N MET F 186 8.67 -2.08 4.62
CA MET F 186 9.30 -3.09 3.78
C MET F 186 9.89 -2.51 2.49
N GLN F 187 9.18 -1.55 1.88
CA GLN F 187 9.72 -0.86 0.69
C GLN F 187 10.97 -0.07 1.09
N LEU F 188 10.90 0.54 2.27
CA LEU F 188 11.94 1.44 2.71
C LEU F 188 13.22 0.72 3.08
N MET F 189 13.10 -0.53 3.53
CA MET F 189 14.28 -1.33 3.83
C MET F 189 14.55 -2.32 2.71
N ARG F 190 13.60 -3.20 2.45
CA ARG F 190 13.81 -4.27 1.50
C ARG F 190 13.77 -3.86 0.02
N GLN F 191 12.87 -2.94 -0.35
CA GLN F 191 12.52 -2.75 -1.77
C GLN F 191 12.90 -1.40 -2.43
N SER F 192 13.78 -0.62 -1.81
CA SER F 192 14.16 0.66 -2.40
C SER F 192 14.64 0.50 -3.83
N GLY F 193 14.08 1.28 -4.75
CA GLY F 193 14.58 1.34 -6.11
C GLY F 193 13.77 0.50 -7.06
N MET F 194 12.84 -0.27 -6.52
CA MET F 194 12.09 -1.22 -7.32
C MET F 194 10.99 -0.60 -8.14
N GLY F 195 10.60 -1.30 -9.21
CA GLY F 195 9.52 -0.88 -10.08
C GLY F 195 8.21 -0.88 -9.33
N ILE F 196 7.38 0.12 -9.62
CA ILE F 196 6.10 0.26 -8.97
C ILE F 196 5.29 -1.00 -9.24
N ASN F 197 5.39 -1.49 -10.45
CA ASN F 197 4.66 -2.69 -10.81
C ASN F 197 5.18 -3.87 -10.02
N GLN F 198 6.50 -4.02 -9.92
CA GLN F 198 7.00 -5.17 -9.18
C GLN F 198 6.64 -5.11 -7.71
N VAL F 199 6.41 -3.92 -7.18
CA VAL F 199 6.15 -3.86 -5.77
C VAL F 199 4.71 -4.19 -5.45
N VAL F 200 3.75 -3.55 -6.09
CA VAL F 200 2.37 -3.89 -5.74
C VAL F 200 2.04 -5.32 -6.15
N ASN F 201 2.56 -5.78 -7.27
CA ASN F 201 2.38 -7.18 -7.67
C ASN F 201 2.85 -8.15 -6.62
N GLN F 202 4.02 -7.89 -6.04
CA GLN F 202 4.54 -8.68 -4.94
C GLN F 202 3.56 -8.65 -3.78
N ILE F 203 3.02 -7.48 -3.48
CA ILE F 203 2.06 -7.34 -2.39
C ILE F 203 0.81 -8.18 -2.65
N LEU F 204 0.29 -8.09 -3.88
CA LEU F 204 -0.92 -8.79 -4.26
C LEU F 204 -0.73 -10.29 -4.16
N ARG F 205 0.40 -10.78 -4.67
CA ARG F 205 0.75 -12.19 -4.60
C ARG F 205 0.66 -12.73 -3.16
N ASP F 206 1.17 -11.97 -2.20
CA ASP F 206 1.11 -12.35 -0.78
C ASP F 206 -0.30 -12.46 -0.24
N LYS F 207 -1.23 -11.67 -0.78
CA LYS F 207 -2.61 -11.65 -0.29
C LYS F 207 -3.45 -12.78 -0.86
N SER F 208 -3.14 -13.17 -2.09
CA SER F 208 -3.69 -14.39 -2.69
C SER F 208 -2.86 -15.58 -2.23
N LYS F 209 -2.60 -15.64 -0.93
CA LYS F 209 -1.92 -16.78 -0.33
C LYS F 209 -2.66 -17.22 0.93
N ILE F 210 -3.19 -16.24 1.68
CA ILE F 210 -4.04 -16.55 2.84
C ILE F 210 -5.43 -17.06 2.40
N ALA F 211 -5.74 -18.30 2.78
CA ALA F 211 -7.02 -18.90 2.41
C ALA F 211 -8.11 -18.19 3.18
N PRO F 212 -9.30 -18.04 2.55
CA PRO F 212 -10.40 -17.30 3.17
C PRO F 212 -11.25 -18.19 4.07
N ILE F 213 -12.00 -17.59 4.99
CA ILE F 213 -12.89 -18.37 5.83
C ILE F 213 -14.09 -18.86 5.00
N VAL F 214 -14.40 -20.16 5.09
CA VAL F 214 -15.60 -20.69 4.44
C VAL F 214 -16.58 -21.34 5.39
N VAL F 215 -17.80 -20.79 5.42
CA VAL F 215 -18.88 -21.39 6.18
C VAL F 215 -20.00 -21.80 5.24
N ILE F 216 -20.49 -23.02 5.42
CA ILE F 216 -21.69 -23.47 4.75
C ILE F 216 -22.83 -23.44 5.78
N ARG F 217 -23.69 -22.44 5.66
CA ARG F 217 -24.71 -22.14 6.69
C ARG F 217 -25.75 -23.22 6.80
N GLU F 218 -26.31 -23.38 7.99
CA GLU F 218 -27.46 -24.25 8.17
C GLU F 218 -28.56 -23.74 7.25
N GLY F 219 -29.39 -24.65 6.76
CA GLY F 219 -30.40 -24.29 5.77
C GLY F 219 -29.91 -24.50 4.35
N SER F 220 -28.61 -24.75 4.21
CA SER F 220 -28.04 -25.15 2.94
C SER F 220 -28.68 -26.43 2.46
N ARG F 221 -28.92 -26.50 1.16
CA ARG F 221 -29.61 -27.62 0.53
C ARG F 221 -28.63 -28.49 -0.22
N VAL F 222 -28.80 -29.79 -0.09
CA VAL F 222 -27.77 -30.77 -0.45
C VAL F 222 -28.38 -32.03 -1.07
N PHE F 223 -27.63 -32.69 -1.95
CA PHE F 223 -27.94 -34.06 -2.35
C PHE F 223 -26.94 -35.02 -1.73
N ILE F 224 -27.43 -36.00 -0.99
CA ILE F 224 -26.57 -37.07 -0.52
C ILE F 224 -26.67 -38.25 -1.49
N SER F 225 -25.54 -38.66 -2.03
CA SER F 225 -25.51 -39.60 -3.13
C SER F 225 -24.61 -40.82 -2.86
N PRO F 226 -25.20 -42.02 -2.86
CA PRO F 226 -24.43 -43.22 -2.64
C PRO F 226 -23.47 -43.43 -3.79
N ASN F 227 -22.23 -43.79 -3.46
CA ASN F 227 -21.26 -44.14 -4.47
C ASN F 227 -21.31 -45.61 -4.86
N THR F 228 -22.15 -46.38 -4.16
CA THR F 228 -22.46 -47.74 -4.53
C THR F 228 -23.89 -48.02 -4.18
N ASP F 229 -24.41 -49.13 -4.68
CA ASP F 229 -25.67 -49.64 -4.21
C ASP F 229 -25.55 -49.89 -2.71
N ILE F 230 -26.58 -49.51 -1.96
CA ILE F 230 -26.62 -49.79 -0.54
C ILE F 230 -27.81 -50.67 -0.24
N PHE F 231 -27.55 -51.85 0.31
CA PHE F 231 -28.61 -52.76 0.74
C PHE F 231 -28.95 -52.53 2.21
N PHE F 232 -30.25 -52.45 2.48
CA PHE F 232 -30.77 -52.20 3.82
C PHE F 232 -31.44 -53.46 4.35
N PRO F 233 -30.74 -54.21 5.22
CA PRO F 233 -31.43 -55.36 5.84
C PRO F 233 -32.66 -54.93 6.64
N ILE F 234 -33.59 -55.86 6.85
CA ILE F 234 -34.77 -55.64 7.68
C ILE F 234 -34.32 -55.30 9.10
N PRO F 235 -34.84 -54.19 9.68
CA PRO F 235 -34.39 -53.75 11.00
C PRO F 235 -34.68 -54.78 12.11
N ARG F 236 -33.64 -55.07 12.91
CA ARG F 236 -33.78 -55.86 14.13
C ARG F 236 -33.48 -54.98 15.35
N GLU F 237 -34.44 -54.92 16.28
CA GLU F 237 -34.34 -54.09 17.49
C GLU F 237 -33.85 -52.68 17.18
N ASN F 238 -34.58 -52.01 16.28
CA ASN F 238 -34.30 -50.63 15.86
C ASN F 238 -32.94 -50.38 15.22
N GLU F 239 -32.34 -51.40 14.63
CA GLU F 239 -31.01 -51.27 14.06
C GLU F 239 -30.90 -51.87 12.67
N VAL F 240 -30.30 -51.11 11.76
CA VAL F 240 -30.00 -51.60 10.42
C VAL F 240 -28.52 -51.38 10.14
N ILE F 241 -27.78 -52.46 9.88
CA ILE F 241 -26.40 -52.33 9.46
C ILE F 241 -26.37 -52.43 7.94
N ALA F 242 -26.20 -51.29 7.27
CA ALA F 242 -26.27 -51.22 5.81
C ALA F 242 -25.11 -51.94 5.15
N GLU F 243 -25.37 -52.51 3.97
CA GLU F 243 -24.36 -53.20 3.20
C GLU F 243 -24.09 -52.49 1.88
N PHE F 244 -22.82 -52.28 1.58
CA PHE F 244 -22.44 -51.61 0.36
C PHE F 244 -21.89 -52.63 -0.64
N LEU F 245 -22.73 -53.02 -1.60
CA LEU F 245 -22.33 -53.99 -2.62
C LEU F 245 -21.37 -53.35 -3.64
N LYS F 246 -20.09 -53.28 -3.27
CA LYS F 246 -19.07 -52.55 -4.06
C LYS F 246 -18.08 -53.48 -4.76
#